data_1JL9
# 
_entry.id   1JL9 
# 
_audit_conform.dict_name       mmcif_pdbx.dic 
_audit_conform.dict_version    5.399 
_audit_conform.dict_location   http://mmcif.pdb.org/dictionaries/ascii/mmcif_pdbx.dic 
# 
loop_
_database_2.database_id 
_database_2.database_code 
_database_2.pdbx_database_accession 
_database_2.pdbx_DOI 
PDB   1JL9         pdb_00001jl9 10.2210/pdb1jl9/pdb 
RCSB  RCSB013902   ?            ?                   
WWPDB D_1000013902 ?            ?                   
# 
loop_
_pdbx_audit_revision_history.ordinal 
_pdbx_audit_revision_history.data_content_type 
_pdbx_audit_revision_history.major_revision 
_pdbx_audit_revision_history.minor_revision 
_pdbx_audit_revision_history.revision_date 
1 'Structure model' 1 0 2001-10-24 
2 'Structure model' 1 1 2008-04-27 
3 'Structure model' 1 2 2011-07-13 
4 'Structure model' 1 3 2024-11-20 
# 
_pdbx_audit_revision_details.ordinal             1 
_pdbx_audit_revision_details.revision_ordinal    1 
_pdbx_audit_revision_details.data_content_type   'Structure model' 
_pdbx_audit_revision_details.provider            repository 
_pdbx_audit_revision_details.type                'Initial release' 
_pdbx_audit_revision_details.description         ? 
_pdbx_audit_revision_details.details             ? 
# 
loop_
_pdbx_audit_revision_group.ordinal 
_pdbx_audit_revision_group.revision_ordinal 
_pdbx_audit_revision_group.data_content_type 
_pdbx_audit_revision_group.group 
1 2 'Structure model' 'Version format compliance' 
2 3 'Structure model' 'Version format compliance' 
3 4 'Structure model' 'Data collection'           
4 4 'Structure model' 'Database references'       
5 4 'Structure model' 'Structure summary'         
# 
loop_
_pdbx_audit_revision_category.ordinal 
_pdbx_audit_revision_category.revision_ordinal 
_pdbx_audit_revision_category.data_content_type 
_pdbx_audit_revision_category.category 
1 4 'Structure model' chem_comp_atom            
2 4 'Structure model' chem_comp_bond            
3 4 'Structure model' database_2                
4 4 'Structure model' pdbx_entry_details        
5 4 'Structure model' pdbx_modification_feature 
# 
loop_
_pdbx_audit_revision_item.ordinal 
_pdbx_audit_revision_item.revision_ordinal 
_pdbx_audit_revision_item.data_content_type 
_pdbx_audit_revision_item.item 
1 4 'Structure model' '_database_2.pdbx_DOI'                
2 4 'Structure model' '_database_2.pdbx_database_accession' 
# 
_pdbx_database_status.status_code                     REL 
_pdbx_database_status.entry_id                        1JL9 
_pdbx_database_status.recvd_initial_deposition_date   2001-07-16 
_pdbx_database_status.deposit_site                    RCSB 
_pdbx_database_status.process_site                    PDBJ 
_pdbx_database_status.status_code_sf                  REL 
_pdbx_database_status.SG_entry                        . 
_pdbx_database_status.status_code_mr                  ? 
_pdbx_database_status.pdb_format_compatible           Y 
_pdbx_database_status.status_code_cs                  ? 
_pdbx_database_status.status_code_nmr_data            ? 
_pdbx_database_status.methods_development_category    ? 
# 
loop_
_audit_author.name 
_audit_author.pdbx_ordinal 
'Lu, H.S.'    1 
'Chai, J.J.'  2 
'Li, M.'      3 
'Huang, B.R.' 4 
'He, C.H.'    5 
'Bi, R.C.'    6 
# 
_citation.id                        primary 
_citation.title                     'Crystal structure of human epidermal growth factor and its dimerization' 
_citation.journal_abbrev            J.Biol.Chem. 
_citation.journal_volume            276 
_citation.page_first                34913 
_citation.page_last                 34917 
_citation.year                      2001 
_citation.journal_id_ASTM           JBCHA3 
_citation.country                   US 
_citation.journal_id_ISSN           0021-9258 
_citation.journal_id_CSD            0071 
_citation.book_publisher            ? 
_citation.pdbx_database_id_PubMed   11438527 
_citation.pdbx_database_id_DOI      10.1074/jbc.M102874200 
# 
loop_
_citation_author.citation_id 
_citation_author.name 
_citation_author.ordinal 
_citation_author.identifier_ORCID 
primary 'Lu, H.S.'    1 ? 
primary 'Chai, J.J.'  2 ? 
primary 'Li, M.'      3 ? 
primary 'Huang, B.R.' 4 ? 
primary 'He, C.H.'    5 ? 
primary 'Bi, R.C.'    6 ? 
# 
loop_
_entity.id 
_entity.type 
_entity.src_method 
_entity.pdbx_description 
_entity.formula_weight 
_entity.pdbx_number_of_molecules 
_entity.pdbx_ec 
_entity.pdbx_mutation 
_entity.pdbx_fragment 
_entity.details 
1 polymer man 'EPIDERMAL GROWTH FACTOR' 5958.676 2 ? ? 'RESIDUES 1-51' ? 
2 water   nat water                     18.015   7 ? ? ?               ? 
# 
_entity_name_com.entity_id   1 
_entity_name_com.name        EGF 
# 
_entity_poly.entity_id                      1 
_entity_poly.type                           'polypeptide(L)' 
_entity_poly.nstd_linkage                   no 
_entity_poly.nstd_monomer                   no 
_entity_poly.pdbx_seq_one_letter_code       NSDSECPLSHDGYCLHDGVCMYIEALDKYACNCVVGYIGERCQYRDLKWWE 
_entity_poly.pdbx_seq_one_letter_code_can   NSDSECPLSHDGYCLHDGVCMYIEALDKYACNCVVGYIGERCQYRDLKWWE 
_entity_poly.pdbx_strand_id                 A,B 
_entity_poly.pdbx_target_identifier         ? 
# 
_pdbx_entity_nonpoly.entity_id   2 
_pdbx_entity_nonpoly.name        water 
_pdbx_entity_nonpoly.comp_id     HOH 
# 
loop_
_entity_poly_seq.entity_id 
_entity_poly_seq.num 
_entity_poly_seq.mon_id 
_entity_poly_seq.hetero 
1 1  ASN n 
1 2  SER n 
1 3  ASP n 
1 4  SER n 
1 5  GLU n 
1 6  CYS n 
1 7  PRO n 
1 8  LEU n 
1 9  SER n 
1 10 HIS n 
1 11 ASP n 
1 12 GLY n 
1 13 TYR n 
1 14 CYS n 
1 15 LEU n 
1 16 HIS n 
1 17 ASP n 
1 18 GLY n 
1 19 VAL n 
1 20 CYS n 
1 21 MET n 
1 22 TYR n 
1 23 ILE n 
1 24 GLU n 
1 25 ALA n 
1 26 LEU n 
1 27 ASP n 
1 28 LYS n 
1 29 TYR n 
1 30 ALA n 
1 31 CYS n 
1 32 ASN n 
1 33 CYS n 
1 34 VAL n 
1 35 VAL n 
1 36 GLY n 
1 37 TYR n 
1 38 ILE n 
1 39 GLY n 
1 40 GLU n 
1 41 ARG n 
1 42 CYS n 
1 43 GLN n 
1 44 TYR n 
1 45 ARG n 
1 46 ASP n 
1 47 LEU n 
1 48 LYS n 
1 49 TRP n 
1 50 TRP n 
1 51 GLU n 
# 
_entity_src_gen.entity_id                          1 
_entity_src_gen.pdbx_src_id                        1 
_entity_src_gen.pdbx_alt_source_flag               sample 
_entity_src_gen.pdbx_seq_type                      ? 
_entity_src_gen.pdbx_beg_seq_num                   ? 
_entity_src_gen.pdbx_end_seq_num                   ? 
_entity_src_gen.gene_src_common_name               human 
_entity_src_gen.gene_src_genus                     Homo 
_entity_src_gen.pdbx_gene_src_gene                 ? 
_entity_src_gen.gene_src_species                   ? 
_entity_src_gen.gene_src_strain                    ? 
_entity_src_gen.gene_src_tissue                    ? 
_entity_src_gen.gene_src_tissue_fraction           ? 
_entity_src_gen.gene_src_details                   ? 
_entity_src_gen.pdbx_gene_src_fragment             ? 
_entity_src_gen.pdbx_gene_src_scientific_name      'Homo sapiens' 
_entity_src_gen.pdbx_gene_src_ncbi_taxonomy_id     9606 
_entity_src_gen.pdbx_gene_src_variant              ? 
_entity_src_gen.pdbx_gene_src_cell_line            ? 
_entity_src_gen.pdbx_gene_src_atcc                 ? 
_entity_src_gen.pdbx_gene_src_organ                ? 
_entity_src_gen.pdbx_gene_src_organelle            ? 
_entity_src_gen.pdbx_gene_src_cell                 ? 
_entity_src_gen.pdbx_gene_src_cellular_location    ? 
_entity_src_gen.host_org_common_name               
;baker's yeast
;
_entity_src_gen.pdbx_host_org_scientific_name      'Saccharomyces cerevisiae' 
_entity_src_gen.pdbx_host_org_ncbi_taxonomy_id     4932 
_entity_src_gen.host_org_genus                     Saccharomyces 
_entity_src_gen.pdbx_host_org_gene                 ? 
_entity_src_gen.pdbx_host_org_organ                ? 
_entity_src_gen.host_org_species                   ? 
_entity_src_gen.pdbx_host_org_tissue               ? 
_entity_src_gen.pdbx_host_org_tissue_fraction      ? 
_entity_src_gen.pdbx_host_org_strain               ? 
_entity_src_gen.pdbx_host_org_variant              ? 
_entity_src_gen.pdbx_host_org_cell_line            ? 
_entity_src_gen.pdbx_host_org_atcc                 ? 
_entity_src_gen.pdbx_host_org_culture_collection   ? 
_entity_src_gen.pdbx_host_org_cell                 ? 
_entity_src_gen.pdbx_host_org_organelle            ? 
_entity_src_gen.pdbx_host_org_cellular_location    ? 
_entity_src_gen.pdbx_host_org_vector_type          PLASMID 
_entity_src_gen.pdbx_host_org_vector               ? 
_entity_src_gen.host_org_details                   ? 
_entity_src_gen.expression_system_id               ? 
_entity_src_gen.plasmid_name                       ? 
_entity_src_gen.plasmid_details                    ? 
_entity_src_gen.pdbx_description                   ? 
# 
loop_
_chem_comp.id 
_chem_comp.type 
_chem_comp.mon_nstd_flag 
_chem_comp.name 
_chem_comp.pdbx_synonyms 
_chem_comp.formula 
_chem_comp.formula_weight 
ALA 'L-peptide linking' y ALANINE         ? 'C3 H7 N O2'     89.093  
ARG 'L-peptide linking' y ARGININE        ? 'C6 H15 N4 O2 1' 175.209 
ASN 'L-peptide linking' y ASPARAGINE      ? 'C4 H8 N2 O3'    132.118 
ASP 'L-peptide linking' y 'ASPARTIC ACID' ? 'C4 H7 N O4'     133.103 
CYS 'L-peptide linking' y CYSTEINE        ? 'C3 H7 N O2 S'   121.158 
GLN 'L-peptide linking' y GLUTAMINE       ? 'C5 H10 N2 O3'   146.144 
GLU 'L-peptide linking' y 'GLUTAMIC ACID' ? 'C5 H9 N O4'     147.129 
GLY 'peptide linking'   y GLYCINE         ? 'C2 H5 N O2'     75.067  
HIS 'L-peptide linking' y HISTIDINE       ? 'C6 H10 N3 O2 1' 156.162 
HOH non-polymer         . WATER           ? 'H2 O'           18.015  
ILE 'L-peptide linking' y ISOLEUCINE      ? 'C6 H13 N O2'    131.173 
LEU 'L-peptide linking' y LEUCINE         ? 'C6 H13 N O2'    131.173 
LYS 'L-peptide linking' y LYSINE          ? 'C6 H15 N2 O2 1' 147.195 
MET 'L-peptide linking' y METHIONINE      ? 'C5 H11 N O2 S'  149.211 
PRO 'L-peptide linking' y PROLINE         ? 'C5 H9 N O2'     115.130 
SER 'L-peptide linking' y SERINE          ? 'C3 H7 N O3'     105.093 
TRP 'L-peptide linking' y TRYPTOPHAN      ? 'C11 H12 N2 O2'  204.225 
TYR 'L-peptide linking' y TYROSINE        ? 'C9 H11 N O3'    181.189 
VAL 'L-peptide linking' y VALINE          ? 'C5 H11 N O2'    117.146 
# 
loop_
_pdbx_poly_seq_scheme.asym_id 
_pdbx_poly_seq_scheme.entity_id 
_pdbx_poly_seq_scheme.seq_id 
_pdbx_poly_seq_scheme.mon_id 
_pdbx_poly_seq_scheme.ndb_seq_num 
_pdbx_poly_seq_scheme.pdb_seq_num 
_pdbx_poly_seq_scheme.auth_seq_num 
_pdbx_poly_seq_scheme.pdb_mon_id 
_pdbx_poly_seq_scheme.auth_mon_id 
_pdbx_poly_seq_scheme.pdb_strand_id 
_pdbx_poly_seq_scheme.pdb_ins_code 
_pdbx_poly_seq_scheme.hetero 
A 1 1  ASN 1  1  ?  ?   ?   A . n 
A 1 2  SER 2  2  ?  ?   ?   A . n 
A 1 3  ASP 3  3  ?  ?   ?   A . n 
A 1 4  SER 4  4  ?  ?   ?   A . n 
A 1 5  GLU 5  5  ?  ?   ?   A . n 
A 1 6  CYS 6  6  6  CYS CYS A . n 
A 1 7  PRO 7  7  7  PRO PRO A . n 
A 1 8  LEU 8  8  8  LEU LEU A . n 
A 1 9  SER 9  9  9  SER SER A . n 
A 1 10 HIS 10 10 10 HIS HIS A . n 
A 1 11 ASP 11 11 11 ASP ASP A . n 
A 1 12 GLY 12 12 12 GLY GLY A . n 
A 1 13 TYR 13 13 13 TYR TYR A . n 
A 1 14 CYS 14 14 14 CYS CYS A . n 
A 1 15 LEU 15 15 15 LEU LEU A . n 
A 1 16 HIS 16 16 16 HIS HIS A . n 
A 1 17 ASP 17 17 17 ASP ASP A . n 
A 1 18 GLY 18 18 18 GLY GLY A . n 
A 1 19 VAL 19 19 19 VAL VAL A . n 
A 1 20 CYS 20 20 20 CYS CYS A . n 
A 1 21 MET 21 21 21 MET MET A . n 
A 1 22 TYR 22 22 22 TYR TYR A . n 
A 1 23 ILE 23 23 23 ILE ILE A . n 
A 1 24 GLU 24 24 24 GLU GLU A . n 
A 1 25 ALA 25 25 25 ALA ALA A . n 
A 1 26 LEU 26 26 26 LEU LEU A . n 
A 1 27 ASP 27 27 27 ASP ASP A . n 
A 1 28 LYS 28 28 28 LYS LYS A . n 
A 1 29 TYR 29 29 29 TYR TYR A . n 
A 1 30 ALA 30 30 30 ALA ALA A . n 
A 1 31 CYS 31 31 31 CYS CYS A . n 
A 1 32 ASN 32 32 32 ASN ASN A . n 
A 1 33 CYS 33 33 33 CYS CYS A . n 
A 1 34 VAL 34 34 34 VAL VAL A . n 
A 1 35 VAL 35 35 35 VAL VAL A . n 
A 1 36 GLY 36 36 36 GLY GLY A . n 
A 1 37 TYR 37 37 37 TYR TYR A . n 
A 1 38 ILE 38 38 38 ILE ILE A . n 
A 1 39 GLY 39 39 39 GLY GLY A . n 
A 1 40 GLU 40 40 40 GLU GLU A . n 
A 1 41 ARG 41 41 41 ARG ARG A . n 
A 1 42 CYS 42 42 42 CYS CYS A . n 
A 1 43 GLN 43 43 43 GLN GLN A . n 
A 1 44 TYR 44 44 44 TYR TYR A . n 
A 1 45 ARG 45 45 45 ARG ARG A . n 
A 1 46 ASP 46 46 46 ASP ASP A . n 
A 1 47 LEU 47 47 47 LEU LEU A . n 
A 1 48 LYS 48 48 ?  ?   ?   A . n 
A 1 49 TRP 49 49 ?  ?   ?   A . n 
A 1 50 TRP 50 50 ?  ?   ?   A . n 
A 1 51 GLU 51 51 ?  ?   ?   A . n 
B 1 1  ASN 1  1  ?  ?   ?   B . n 
B 1 2  SER 2  2  ?  ?   ?   B . n 
B 1 3  ASP 3  3  ?  ?   ?   B . n 
B 1 4  SER 4  4  ?  ?   ?   B . n 
B 1 5  GLU 5  5  ?  ?   ?   B . n 
B 1 6  CYS 6  6  6  CYS CYS B . n 
B 1 7  PRO 7  7  7  PRO PRO B . n 
B 1 8  LEU 8  8  8  LEU LEU B . n 
B 1 9  SER 9  9  9  SER SER B . n 
B 1 10 HIS 10 10 10 HIS HIS B . n 
B 1 11 ASP 11 11 11 ASP ASP B . n 
B 1 12 GLY 12 12 12 GLY GLY B . n 
B 1 13 TYR 13 13 13 TYR TYR B . n 
B 1 14 CYS 14 14 14 CYS CYS B . n 
B 1 15 LEU 15 15 15 LEU LEU B . n 
B 1 16 HIS 16 16 16 HIS HIS B . n 
B 1 17 ASP 17 17 17 ASP ASP B . n 
B 1 18 GLY 18 18 18 GLY GLY B . n 
B 1 19 VAL 19 19 19 VAL VAL B . n 
B 1 20 CYS 20 20 20 CYS CYS B . n 
B 1 21 MET 21 21 21 MET MET B . n 
B 1 22 TYR 22 22 22 TYR TYR B . n 
B 1 23 ILE 23 23 23 ILE ILE B . n 
B 1 24 GLU 24 24 24 GLU GLU B . n 
B 1 25 ALA 25 25 25 ALA ALA B . n 
B 1 26 LEU 26 26 26 LEU LEU B . n 
B 1 27 ASP 27 27 27 ASP ASP B . n 
B 1 28 LYS 28 28 28 LYS LYS B . n 
B 1 29 TYR 29 29 29 TYR TYR B . n 
B 1 30 ALA 30 30 30 ALA ALA B . n 
B 1 31 CYS 31 31 31 CYS CYS B . n 
B 1 32 ASN 32 32 32 ASN ASN B . n 
B 1 33 CYS 33 33 33 CYS CYS B . n 
B 1 34 VAL 34 34 34 VAL VAL B . n 
B 1 35 VAL 35 35 35 VAL VAL B . n 
B 1 36 GLY 36 36 36 GLY GLY B . n 
B 1 37 TYR 37 37 37 TYR TYR B . n 
B 1 38 ILE 38 38 38 ILE ILE B . n 
B 1 39 GLY 39 39 39 GLY GLY B . n 
B 1 40 GLU 40 40 40 GLU GLU B . n 
B 1 41 ARG 41 41 41 ARG ARG B . n 
B 1 42 CYS 42 42 42 CYS CYS B . n 
B 1 43 GLN 43 43 43 GLN GLN B . n 
B 1 44 TYR 44 44 44 TYR TYR B . n 
B 1 45 ARG 45 45 45 ARG ARG B . n 
B 1 46 ASP 46 46 46 ASP ASP B . n 
B 1 47 LEU 47 47 47 LEU LEU B . n 
B 1 48 LYS 48 48 48 LYS LYS B . n 
B 1 49 TRP 49 49 49 TRP TRP B . n 
B 1 50 TRP 50 50 50 TRP TRP B . n 
B 1 51 GLU 51 51 ?  ?   ?   B . n 
# 
loop_
_pdbx_nonpoly_scheme.asym_id 
_pdbx_nonpoly_scheme.entity_id 
_pdbx_nonpoly_scheme.mon_id 
_pdbx_nonpoly_scheme.ndb_seq_num 
_pdbx_nonpoly_scheme.pdb_seq_num 
_pdbx_nonpoly_scheme.auth_seq_num 
_pdbx_nonpoly_scheme.pdb_mon_id 
_pdbx_nonpoly_scheme.auth_mon_id 
_pdbx_nonpoly_scheme.pdb_strand_id 
_pdbx_nonpoly_scheme.pdb_ins_code 
C 2 HOH 1 52 1 HOH HOH A . 
C 2 HOH 2 53 2 HOH HOH A . 
C 2 HOH 3 54 3 HOH HOH A . 
C 2 HOH 4 55 4 HOH HOH A . 
C 2 HOH 5 56 5 HOH HOH A . 
D 2 HOH 1 52 6 HOH HOH B . 
D 2 HOH 2 53 7 HOH HOH B . 
# 
loop_
_software.name 
_software.classification 
_software.version 
_software.citation_id 
_software.pdbx_ordinal 
DENZO     'data reduction' .     ? 1 
SCALEPACK 'data scaling'   .     ? 2 
DM        'model building' .     ? 3 
X-PLOR    refinement       3.851 ? 4 
DM        phasing          .     ? 5 
# 
_cell.entry_id           1JL9 
_cell.length_a           61.43 
_cell.length_b           61.43 
_cell.length_c           87.04 
_cell.angle_alpha        90 
_cell.angle_beta         90 
_cell.angle_gamma        120 
_cell.Z_PDB              12 
_cell.pdbx_unique_axis   ? 
_cell.length_a_esd       ? 
_cell.length_b_esd       ? 
_cell.length_c_esd       ? 
_cell.angle_alpha_esd    ? 
_cell.angle_beta_esd     ? 
_cell.angle_gamma_esd    ? 
# 
_symmetry.entry_id                         1JL9 
_symmetry.space_group_name_H-M             'P 31 2 1' 
_symmetry.pdbx_full_space_group_name_H-M   ? 
_symmetry.cell_setting                     ? 
_symmetry.Int_Tables_number                152 
_symmetry.space_group_name_Hall            ? 
# 
_exptl.entry_id          1JL9 
_exptl.method            'X-RAY DIFFRACTION' 
_exptl.crystals_number   1 
# 
_exptl_crystal.id                    1 
_exptl_crystal.density_meas          ? 
_exptl_crystal.density_Matthews      3.98 
_exptl_crystal.density_percent_sol   69.08 
_exptl_crystal.description           ? 
_exptl_crystal.F_000                 ? 
_exptl_crystal.preparation           ? 
# 
_exptl_crystal_grow.crystal_id      1 
_exptl_crystal_grow.method          'VAPOR DIFFUSION, HANGING DROP' 
_exptl_crystal_grow.temp            293 
_exptl_crystal_grow.temp_details    ? 
_exptl_crystal_grow.pH              8.1 
_exptl_crystal_grow.pdbx_details    
'magnesium chloride, Bicine, CYMAL-3, sodium azide, pH 8.1, VAPOR DIFFUSION, HANGING DROP, temperature 293K' 
_exptl_crystal_grow.pdbx_pH_range   . 
# 
_diffrn.id                     1 
_diffrn.ambient_temp           ? 
_diffrn.ambient_temp_details   ? 
_diffrn.crystal_id             1 
# 
_diffrn_radiation.diffrn_id                        1 
_diffrn_radiation.wavelength_id                    1 
_diffrn_radiation.pdbx_monochromatic_or_laue_m_l   M 
_diffrn_radiation.monochromator                    ? 
_diffrn_radiation.pdbx_diffrn_protocol             'SINGLE WAVELENGTH' 
_diffrn_radiation.pdbx_scattering_type             x-ray 
# 
_diffrn_radiation_wavelength.id           1 
_diffrn_radiation_wavelength.wavelength   . 
_diffrn_radiation_wavelength.wt           1.0 
# 
_diffrn_source.diffrn_id                   1 
_diffrn_source.source                      'ROTATING ANODE' 
_diffrn_source.type                        'RIGAKU RU200' 
_diffrn_source.pdbx_synchrotron_site       APS 
_diffrn_source.pdbx_synchrotron_beamline   ? 
_diffrn_source.pdbx_wavelength             ? 
_diffrn_source.pdbx_wavelength_list        ? 
# 
_reflns.entry_id                     1JL9 
_reflns.observed_criterion_sigma_I   ? 
_reflns.observed_criterion_sigma_F   ? 
_reflns.d_resolution_low             100 
_reflns.d_resolution_high            3 
_reflns.number_obs                   4040 
_reflns.number_all                   21097 
_reflns.percent_possible_obs         99 
_reflns.pdbx_Rmerge_I_obs            0.104 
_reflns.pdbx_Rsym_value              ? 
_reflns.pdbx_netI_over_sigmaI        ? 
_reflns.B_iso_Wilson_estimate        ? 
_reflns.pdbx_redundancy              ? 
_reflns.R_free_details               ? 
_reflns.limit_h_max                  ? 
_reflns.limit_h_min                  ? 
_reflns.limit_k_max                  ? 
_reflns.limit_k_min                  ? 
_reflns.limit_l_max                  ? 
_reflns.limit_l_min                  ? 
_reflns.observed_criterion_F_max     ? 
_reflns.observed_criterion_F_min     ? 
_reflns.pdbx_chi_squared             ? 
_reflns.pdbx_scaling_rejects         ? 
_reflns.pdbx_diffrn_id               1 
_reflns.pdbx_ordinal                 1 
# 
_reflns_shell.d_res_high             3.00 
_reflns_shell.d_res_low              3.11 
_reflns_shell.percent_possible_all   96.8 
_reflns_shell.Rmerge_I_obs           ? 
_reflns_shell.pdbx_Rsym_value        ? 
_reflns_shell.meanI_over_sigI_obs    ? 
_reflns_shell.pdbx_redundancy        ? 
_reflns_shell.percent_possible_obs   ? 
_reflns_shell.number_unique_all      ? 
_reflns_shell.number_measured_all    ? 
_reflns_shell.number_measured_obs    ? 
_reflns_shell.number_unique_obs      ? 
_reflns_shell.pdbx_chi_squared       ? 
_reflns_shell.pdbx_diffrn_id         ? 
_reflns_shell.pdbx_ordinal           1 
# 
_refine.entry_id                                 1JL9 
_refine.ls_number_reflns_obs                     ? 
_refine.ls_number_reflns_all                     ? 
_refine.pdbx_ls_sigma_I                          ? 
_refine.pdbx_ls_sigma_F                          2 
_refine.pdbx_data_cutoff_high_absF               ? 
_refine.pdbx_data_cutoff_low_absF                ? 
_refine.ls_d_res_low                             8 
_refine.ls_d_res_high                            3 
_refine.ls_percent_reflns_obs                    ? 
_refine.ls_R_factor_obs                          ? 
_refine.ls_R_factor_all                          ? 
_refine.ls_R_factor_R_work                       0.231 
_refine.ls_R_factor_R_free                       0.283 
_refine.ls_R_factor_R_free_error                 ? 
_refine.ls_R_factor_R_free_error_details         ? 
_refine.ls_percent_reflns_R_free                 ? 
_refine.ls_number_reflns_R_free                  ? 
_refine.ls_number_parameters                     ? 
_refine.ls_number_restraints                     ? 
_refine.occupancy_min                            ? 
_refine.occupancy_max                            ? 
_refine.B_iso_mean                               ? 
_refine.aniso_B[1][1]                            ? 
_refine.aniso_B[2][2]                            ? 
_refine.aniso_B[3][3]                            ? 
_refine.aniso_B[1][2]                            ? 
_refine.aniso_B[1][3]                            ? 
_refine.aniso_B[2][3]                            ? 
_refine.solvent_model_details                    ? 
_refine.solvent_model_param_ksol                 ? 
_refine.solvent_model_param_bsol                 ? 
_refine.pdbx_ls_cross_valid_method               THROUGHOUT 
_refine.details                                  ? 
_refine.pdbx_starting_model                      ? 
_refine.pdbx_method_to_determine_struct          MIR 
_refine.pdbx_isotropic_thermal_model             Isotropic 
_refine.pdbx_stereochemistry_target_values       'Engh & Huber' 
_refine.pdbx_stereochem_target_val_spec_case     ? 
_refine.pdbx_R_Free_selection_details            RANDOM 
_refine.pdbx_overall_ESU_R_Free                  ? 
_refine.overall_SU_B                             ? 
_refine.ls_redundancy_reflns_obs                 ? 
_refine.B_iso_min                                ? 
_refine.B_iso_max                                ? 
_refine.correlation_coeff_Fo_to_Fc               ? 
_refine.correlation_coeff_Fo_to_Fc_free          ? 
_refine.overall_SU_R_Cruickshank_DPI             ? 
_refine.overall_SU_R_free                        ? 
_refine.overall_SU_ML                            ? 
_refine.pdbx_overall_ESU_R                       ? 
_refine.pdbx_data_cutoff_high_rms_absF           ? 
_refine.pdbx_solvent_vdw_probe_radii             ? 
_refine.pdbx_solvent_ion_probe_radii             ? 
_refine.pdbx_solvent_shrinkage_radii             ? 
_refine.ls_wR_factor_R_free                      ? 
_refine.ls_wR_factor_R_work                      ? 
_refine.overall_FOM_free_R_set                   ? 
_refine.overall_FOM_work_R_set                   ? 
_refine.pdbx_refine_id                           'X-RAY DIFFRACTION' 
_refine.pdbx_diffrn_id                           1 
_refine.pdbx_TLS_residual_ADP_flag               ? 
_refine.pdbx_overall_phase_error                 ? 
_refine.pdbx_overall_SU_R_free_Cruickshank_DPI   ? 
_refine.pdbx_overall_SU_R_Blow_DPI               ? 
_refine.pdbx_overall_SU_R_free_Blow_DPI          ? 
# 
_refine_hist.pdbx_refine_id                   'X-RAY DIFFRACTION' 
_refine_hist.cycle_id                         LAST 
_refine_hist.pdbx_number_atoms_protein        697 
_refine_hist.pdbx_number_atoms_nucleic_acid   0 
_refine_hist.pdbx_number_atoms_ligand         0 
_refine_hist.number_atoms_solvent             7 
_refine_hist.number_atoms_total               704 
_refine_hist.d_res_high                       3 
_refine_hist.d_res_low                        8 
# 
loop_
_refine_ls_restr.type 
_refine_ls_restr.dev_ideal 
_refine_ls_restr.dev_ideal_target 
_refine_ls_restr.weight 
_refine_ls_restr.number 
_refine_ls_restr.pdbx_refine_id 
_refine_ls_restr.pdbx_restraint_function 
x_bond_d  0.007 ? ? ? 'X-RAY DIFFRACTION' ? 
x_angle_d 1.193 ? ? ? 'X-RAY DIFFRACTION' ? 
# 
_struct.entry_id                  1JL9 
_struct.title                     'Crystal Structure of Human Epidermal Growth Factor' 
_struct.pdbx_model_details        ? 
_struct.pdbx_CASP_flag            ? 
_struct.pdbx_model_type_details   ? 
# 
_struct_keywords.entry_id        1JL9 
_struct_keywords.pdbx_keywords   'SIGNALING PROTEIN' 
_struct_keywords.text            'Dimerization, Growth factor, SIGNALING PROTEIN' 
# 
loop_
_struct_asym.id 
_struct_asym.pdbx_blank_PDB_chainid_flag 
_struct_asym.pdbx_modified 
_struct_asym.entity_id 
_struct_asym.details 
A N N 1 ? 
B N N 1 ? 
C N N 2 ? 
D N N 2 ? 
# 
_struct_ref.id                         1 
_struct_ref.db_code                    EGF_HUMAN 
_struct_ref.db_name                    UNP 
_struct_ref.entity_id                  1 
_struct_ref.pdbx_db_accession          P01133 
_struct_ref.pdbx_align_begin           ? 
_struct_ref.pdbx_seq_one_letter_code   ? 
_struct_ref.pdbx_db_isoform            ? 
# 
loop_
_struct_ref_seq.align_id 
_struct_ref_seq.ref_id 
_struct_ref_seq.pdbx_PDB_id_code 
_struct_ref_seq.pdbx_strand_id 
_struct_ref_seq.seq_align_beg 
_struct_ref_seq.pdbx_seq_align_beg_ins_code 
_struct_ref_seq.seq_align_end 
_struct_ref_seq.pdbx_seq_align_end_ins_code 
_struct_ref_seq.pdbx_db_accession 
_struct_ref_seq.db_align_beg 
_struct_ref_seq.pdbx_db_align_beg_ins_code 
_struct_ref_seq.db_align_end 
_struct_ref_seq.pdbx_db_align_end_ins_code 
_struct_ref_seq.pdbx_auth_seq_align_beg 
_struct_ref_seq.pdbx_auth_seq_align_end 
1 1 1JL9 A 1 ? 51 ? P01133 971 ? 1021 ? 1 51 
2 1 1JL9 B 1 ? 51 ? P01133 971 ? 1021 ? 1 51 
# 
_pdbx_struct_assembly.id                   1 
_pdbx_struct_assembly.details              author_defined_assembly 
_pdbx_struct_assembly.method_details       ? 
_pdbx_struct_assembly.oligomeric_details   dimeric 
_pdbx_struct_assembly.oligomeric_count     2 
# 
_pdbx_struct_assembly_gen.assembly_id       1 
_pdbx_struct_assembly_gen.oper_expression   1 
_pdbx_struct_assembly_gen.asym_id_list      A,B,C,D 
# 
_pdbx_struct_oper_list.id                   1 
_pdbx_struct_oper_list.type                 'identity operation' 
_pdbx_struct_oper_list.name                 1_555 
_pdbx_struct_oper_list.symmetry_operation   x,y,z 
_pdbx_struct_oper_list.matrix[1][1]         1.0000000000 
_pdbx_struct_oper_list.matrix[1][2]         0.0000000000 
_pdbx_struct_oper_list.matrix[1][3]         0.0000000000 
_pdbx_struct_oper_list.vector[1]            0.0000000000 
_pdbx_struct_oper_list.matrix[2][1]         0.0000000000 
_pdbx_struct_oper_list.matrix[2][2]         1.0000000000 
_pdbx_struct_oper_list.matrix[2][3]         0.0000000000 
_pdbx_struct_oper_list.vector[2]            0.0000000000 
_pdbx_struct_oper_list.matrix[3][1]         0.0000000000 
_pdbx_struct_oper_list.matrix[3][2]         0.0000000000 
_pdbx_struct_oper_list.matrix[3][3]         1.0000000000 
_pdbx_struct_oper_list.vector[3]            0.0000000000 
# 
_struct_biol.id        1 
_struct_biol.details   ? 
# 
loop_
_struct_conf.conf_type_id 
_struct_conf.id 
_struct_conf.pdbx_PDB_helix_id 
_struct_conf.beg_label_comp_id 
_struct_conf.beg_label_asym_id 
_struct_conf.beg_label_seq_id 
_struct_conf.pdbx_beg_PDB_ins_code 
_struct_conf.end_label_comp_id 
_struct_conf.end_label_asym_id 
_struct_conf.end_label_seq_id 
_struct_conf.pdbx_end_PDB_ins_code 
_struct_conf.beg_auth_comp_id 
_struct_conf.beg_auth_asym_id 
_struct_conf.beg_auth_seq_id 
_struct_conf.end_auth_comp_id 
_struct_conf.end_auth_asym_id 
_struct_conf.end_auth_seq_id 
_struct_conf.pdbx_PDB_helix_class 
_struct_conf.details 
_struct_conf.pdbx_PDB_helix_length 
HELX_P HELX_P1 1 GLU A 24 ? ASP A 27 ? GLU A 24 ASP A 27 5 ? 4 
HELX_P HELX_P2 2 GLU B 24 ? ASP B 27 ? GLU B 24 ASP B 27 5 ? 4 
# 
_struct_conf_type.id          HELX_P 
_struct_conf_type.criteria    ? 
_struct_conf_type.reference   ? 
# 
loop_
_struct_conn.id 
_struct_conn.conn_type_id 
_struct_conn.pdbx_leaving_atom_flag 
_struct_conn.pdbx_PDB_id 
_struct_conn.ptnr1_label_asym_id 
_struct_conn.ptnr1_label_comp_id 
_struct_conn.ptnr1_label_seq_id 
_struct_conn.ptnr1_label_atom_id 
_struct_conn.pdbx_ptnr1_label_alt_id 
_struct_conn.pdbx_ptnr1_PDB_ins_code 
_struct_conn.pdbx_ptnr1_standard_comp_id 
_struct_conn.ptnr1_symmetry 
_struct_conn.ptnr2_label_asym_id 
_struct_conn.ptnr2_label_comp_id 
_struct_conn.ptnr2_label_seq_id 
_struct_conn.ptnr2_label_atom_id 
_struct_conn.pdbx_ptnr2_label_alt_id 
_struct_conn.pdbx_ptnr2_PDB_ins_code 
_struct_conn.ptnr1_auth_asym_id 
_struct_conn.ptnr1_auth_comp_id 
_struct_conn.ptnr1_auth_seq_id 
_struct_conn.ptnr2_auth_asym_id 
_struct_conn.ptnr2_auth_comp_id 
_struct_conn.ptnr2_auth_seq_id 
_struct_conn.ptnr2_symmetry 
_struct_conn.pdbx_ptnr3_label_atom_id 
_struct_conn.pdbx_ptnr3_label_seq_id 
_struct_conn.pdbx_ptnr3_label_comp_id 
_struct_conn.pdbx_ptnr3_label_asym_id 
_struct_conn.pdbx_ptnr3_label_alt_id 
_struct_conn.pdbx_ptnr3_PDB_ins_code 
_struct_conn.details 
_struct_conn.pdbx_dist_value 
_struct_conn.pdbx_value_order 
_struct_conn.pdbx_role 
disulf1 disulf ? ? A CYS 6  SG ? ? ? 1_555 A CYS 20 SG ? ? A CYS 6  A CYS 20 1_555 ? ? ? ? ? ? ? 2.027 ? ? 
disulf2 disulf ? ? A CYS 14 SG ? ? ? 1_555 A CYS 31 SG ? ? A CYS 14 A CYS 31 1_555 ? ? ? ? ? ? ? 2.021 ? ? 
disulf3 disulf ? ? A CYS 33 SG ? ? ? 1_555 A CYS 42 SG ? ? A CYS 33 A CYS 42 1_555 ? ? ? ? ? ? ? 2.024 ? ? 
disulf4 disulf ? ? B CYS 6  SG ? ? ? 1_555 B CYS 20 SG ? ? B CYS 6  B CYS 20 1_555 ? ? ? ? ? ? ? 2.036 ? ? 
disulf5 disulf ? ? B CYS 14 SG ? ? ? 1_555 B CYS 31 SG ? ? B CYS 14 B CYS 31 1_555 ? ? ? ? ? ? ? 2.028 ? ? 
disulf6 disulf ? ? B CYS 33 SG ? ? ? 1_555 B CYS 42 SG ? ? B CYS 33 B CYS 42 1_555 ? ? ? ? ? ? ? 2.030 ? ? 
# 
_struct_conn_type.id          disulf 
_struct_conn_type.criteria    ? 
_struct_conn_type.reference   ? 
# 
loop_
_pdbx_modification_feature.ordinal 
_pdbx_modification_feature.label_comp_id 
_pdbx_modification_feature.label_asym_id 
_pdbx_modification_feature.label_seq_id 
_pdbx_modification_feature.label_alt_id 
_pdbx_modification_feature.modified_residue_label_comp_id 
_pdbx_modification_feature.modified_residue_label_asym_id 
_pdbx_modification_feature.modified_residue_label_seq_id 
_pdbx_modification_feature.modified_residue_label_alt_id 
_pdbx_modification_feature.auth_comp_id 
_pdbx_modification_feature.auth_asym_id 
_pdbx_modification_feature.auth_seq_id 
_pdbx_modification_feature.PDB_ins_code 
_pdbx_modification_feature.symmetry 
_pdbx_modification_feature.modified_residue_auth_comp_id 
_pdbx_modification_feature.modified_residue_auth_asym_id 
_pdbx_modification_feature.modified_residue_auth_seq_id 
_pdbx_modification_feature.modified_residue_PDB_ins_code 
_pdbx_modification_feature.modified_residue_symmetry 
_pdbx_modification_feature.comp_id_linking_atom 
_pdbx_modification_feature.modified_residue_id_linking_atom 
_pdbx_modification_feature.modified_residue_id 
_pdbx_modification_feature.ref_pcm_id 
_pdbx_modification_feature.ref_comp_id 
_pdbx_modification_feature.type 
_pdbx_modification_feature.category 
1 CYS A 6  ? CYS A 20 ? CYS A 6  ? 1_555 CYS A 20 ? 1_555 SG SG . . . None 'Disulfide bridge' 
2 CYS A 14 ? CYS A 31 ? CYS A 14 ? 1_555 CYS A 31 ? 1_555 SG SG . . . None 'Disulfide bridge' 
3 CYS A 33 ? CYS A 42 ? CYS A 33 ? 1_555 CYS A 42 ? 1_555 SG SG . . . None 'Disulfide bridge' 
4 CYS B 6  ? CYS B 20 ? CYS B 6  ? 1_555 CYS B 20 ? 1_555 SG SG . . . None 'Disulfide bridge' 
5 CYS B 14 ? CYS B 31 ? CYS B 14 ? 1_555 CYS B 31 ? 1_555 SG SG . . . None 'Disulfide bridge' 
6 CYS B 33 ? CYS B 42 ? CYS B 33 ? 1_555 CYS B 42 ? 1_555 SG SG . . . None 'Disulfide bridge' 
# 
loop_
_struct_sheet.id 
_struct_sheet.type 
_struct_sheet.number_strands 
_struct_sheet.details 
A ? 2 ? 
B ? 2 ? 
C ? 2 ? 
D ? 2 ? 
# 
loop_
_struct_sheet_order.sheet_id 
_struct_sheet_order.range_id_1 
_struct_sheet_order.range_id_2 
_struct_sheet_order.offset 
_struct_sheet_order.sense 
A 1 2 ? anti-parallel 
B 1 2 ? anti-parallel 
C 1 2 ? anti-parallel 
D 1 2 ? anti-parallel 
# 
loop_
_struct_sheet_range.sheet_id 
_struct_sheet_range.id 
_struct_sheet_range.beg_label_comp_id 
_struct_sheet_range.beg_label_asym_id 
_struct_sheet_range.beg_label_seq_id 
_struct_sheet_range.pdbx_beg_PDB_ins_code 
_struct_sheet_range.end_label_comp_id 
_struct_sheet_range.end_label_asym_id 
_struct_sheet_range.end_label_seq_id 
_struct_sheet_range.pdbx_end_PDB_ins_code 
_struct_sheet_range.beg_auth_comp_id 
_struct_sheet_range.beg_auth_asym_id 
_struct_sheet_range.beg_auth_seq_id 
_struct_sheet_range.end_auth_comp_id 
_struct_sheet_range.end_auth_asym_id 
_struct_sheet_range.end_auth_seq_id 
A 1 VAL A 19 ? ILE A 23 ? VAL A 19 ILE A 23 
A 2 LYS A 28 ? ASN A 32 ? LYS A 28 ASN A 32 
B 1 TYR A 37 ? ILE A 38 ? TYR A 37 ILE A 38 
B 2 TYR A 44 ? ARG A 45 ? TYR A 44 ARG A 45 
C 1 VAL B 19 ? ILE B 23 ? VAL B 19 ILE B 23 
C 2 LYS B 28 ? ASN B 32 ? LYS B 28 ASN B 32 
D 1 TYR B 37 ? ILE B 38 ? TYR B 37 ILE B 38 
D 2 TYR B 44 ? ARG B 45 ? TYR B 44 ARG B 45 
# 
loop_
_pdbx_struct_sheet_hbond.sheet_id 
_pdbx_struct_sheet_hbond.range_id_1 
_pdbx_struct_sheet_hbond.range_id_2 
_pdbx_struct_sheet_hbond.range_1_label_atom_id 
_pdbx_struct_sheet_hbond.range_1_label_comp_id 
_pdbx_struct_sheet_hbond.range_1_label_asym_id 
_pdbx_struct_sheet_hbond.range_1_label_seq_id 
_pdbx_struct_sheet_hbond.range_1_PDB_ins_code 
_pdbx_struct_sheet_hbond.range_1_auth_atom_id 
_pdbx_struct_sheet_hbond.range_1_auth_comp_id 
_pdbx_struct_sheet_hbond.range_1_auth_asym_id 
_pdbx_struct_sheet_hbond.range_1_auth_seq_id 
_pdbx_struct_sheet_hbond.range_2_label_atom_id 
_pdbx_struct_sheet_hbond.range_2_label_comp_id 
_pdbx_struct_sheet_hbond.range_2_label_asym_id 
_pdbx_struct_sheet_hbond.range_2_label_seq_id 
_pdbx_struct_sheet_hbond.range_2_PDB_ins_code 
_pdbx_struct_sheet_hbond.range_2_auth_atom_id 
_pdbx_struct_sheet_hbond.range_2_auth_comp_id 
_pdbx_struct_sheet_hbond.range_2_auth_asym_id 
_pdbx_struct_sheet_hbond.range_2_auth_seq_id 
A 1 2 N ILE A 23 ? N ILE A 23 O LYS A 28 ? O LYS A 28 
B 1 2 N ILE A 38 ? N ILE A 38 O TYR A 44 ? O TYR A 44 
C 1 2 N ILE B 23 ? N ILE B 23 O LYS B 28 ? O LYS B 28 
D 1 2 N ILE B 38 ? N ILE B 38 O TYR B 44 ? O TYR B 44 
# 
_pdbx_entry_details.entry_id                   1JL9 
_pdbx_entry_details.compound_details           ? 
_pdbx_entry_details.source_details             ? 
_pdbx_entry_details.nonpolymer_details         ? 
_pdbx_entry_details.sequence_details           ? 
_pdbx_entry_details.has_ligand_of_interest     ? 
_pdbx_entry_details.has_protein_modification   Y 
# 
loop_
_pdbx_validate_torsion.id 
_pdbx_validate_torsion.PDB_model_num 
_pdbx_validate_torsion.auth_comp_id 
_pdbx_validate_torsion.auth_asym_id 
_pdbx_validate_torsion.auth_seq_id 
_pdbx_validate_torsion.PDB_ins_code 
_pdbx_validate_torsion.label_alt_id 
_pdbx_validate_torsion.phi 
_pdbx_validate_torsion.psi 
1 1 HIS A 16 ? ? 47.67   78.53  
2 1 ASP A 17 ? ? 36.13   35.68  
3 1 ASN A 32 ? ? -109.91 73.35  
4 1 CYS A 33 ? ? -48.65  166.11 
5 1 PRO B 7  ? ? -40.01  104.81 
6 1 ASP B 11 ? ? 57.75   82.14  
7 1 HIS B 16 ? ? 32.36   73.17  
8 1 ASP B 27 ? ? 39.47   44.39  
9 1 VAL B 35 ? ? -31.37  122.61 
# 
loop_
_pdbx_unobs_or_zero_occ_residues.id 
_pdbx_unobs_or_zero_occ_residues.PDB_model_num 
_pdbx_unobs_or_zero_occ_residues.polymer_flag 
_pdbx_unobs_or_zero_occ_residues.occupancy_flag 
_pdbx_unobs_or_zero_occ_residues.auth_asym_id 
_pdbx_unobs_or_zero_occ_residues.auth_comp_id 
_pdbx_unobs_or_zero_occ_residues.auth_seq_id 
_pdbx_unobs_or_zero_occ_residues.PDB_ins_code 
_pdbx_unobs_or_zero_occ_residues.label_asym_id 
_pdbx_unobs_or_zero_occ_residues.label_comp_id 
_pdbx_unobs_or_zero_occ_residues.label_seq_id 
1  1 Y 1 A ASN 1  ? A ASN 1  
2  1 Y 1 A SER 2  ? A SER 2  
3  1 Y 1 A ASP 3  ? A ASP 3  
4  1 Y 1 A SER 4  ? A SER 4  
5  1 Y 1 A GLU 5  ? A GLU 5  
6  1 Y 1 A LYS 48 ? A LYS 48 
7  1 Y 1 A TRP 49 ? A TRP 49 
8  1 Y 1 A TRP 50 ? A TRP 50 
9  1 Y 1 A GLU 51 ? A GLU 51 
10 1 Y 1 B ASN 1  ? B ASN 1  
11 1 Y 1 B SER 2  ? B SER 2  
12 1 Y 1 B ASP 3  ? B ASP 3  
13 1 Y 1 B SER 4  ? B SER 4  
14 1 Y 1 B GLU 5  ? B GLU 5  
15 1 Y 1 B GLU 51 ? B GLU 51 
# 
loop_
_chem_comp_atom.comp_id 
_chem_comp_atom.atom_id 
_chem_comp_atom.type_symbol 
_chem_comp_atom.pdbx_aromatic_flag 
_chem_comp_atom.pdbx_stereo_config 
_chem_comp_atom.pdbx_ordinal 
ALA N    N N N 1   
ALA CA   C N S 2   
ALA C    C N N 3   
ALA O    O N N 4   
ALA CB   C N N 5   
ALA OXT  O N N 6   
ALA H    H N N 7   
ALA H2   H N N 8   
ALA HA   H N N 9   
ALA HB1  H N N 10  
ALA HB2  H N N 11  
ALA HB3  H N N 12  
ALA HXT  H N N 13  
ARG N    N N N 14  
ARG CA   C N S 15  
ARG C    C N N 16  
ARG O    O N N 17  
ARG CB   C N N 18  
ARG CG   C N N 19  
ARG CD   C N N 20  
ARG NE   N N N 21  
ARG CZ   C N N 22  
ARG NH1  N N N 23  
ARG NH2  N N N 24  
ARG OXT  O N N 25  
ARG H    H N N 26  
ARG H2   H N N 27  
ARG HA   H N N 28  
ARG HB2  H N N 29  
ARG HB3  H N N 30  
ARG HG2  H N N 31  
ARG HG3  H N N 32  
ARG HD2  H N N 33  
ARG HD3  H N N 34  
ARG HE   H N N 35  
ARG HH11 H N N 36  
ARG HH12 H N N 37  
ARG HH21 H N N 38  
ARG HH22 H N N 39  
ARG HXT  H N N 40  
ASN N    N N N 41  
ASN CA   C N S 42  
ASN C    C N N 43  
ASN O    O N N 44  
ASN CB   C N N 45  
ASN CG   C N N 46  
ASN OD1  O N N 47  
ASN ND2  N N N 48  
ASN OXT  O N N 49  
ASN H    H N N 50  
ASN H2   H N N 51  
ASN HA   H N N 52  
ASN HB2  H N N 53  
ASN HB3  H N N 54  
ASN HD21 H N N 55  
ASN HD22 H N N 56  
ASN HXT  H N N 57  
ASP N    N N N 58  
ASP CA   C N S 59  
ASP C    C N N 60  
ASP O    O N N 61  
ASP CB   C N N 62  
ASP CG   C N N 63  
ASP OD1  O N N 64  
ASP OD2  O N N 65  
ASP OXT  O N N 66  
ASP H    H N N 67  
ASP H2   H N N 68  
ASP HA   H N N 69  
ASP HB2  H N N 70  
ASP HB3  H N N 71  
ASP HD2  H N N 72  
ASP HXT  H N N 73  
CYS N    N N N 74  
CYS CA   C N R 75  
CYS C    C N N 76  
CYS O    O N N 77  
CYS CB   C N N 78  
CYS SG   S N N 79  
CYS OXT  O N N 80  
CYS H    H N N 81  
CYS H2   H N N 82  
CYS HA   H N N 83  
CYS HB2  H N N 84  
CYS HB3  H N N 85  
CYS HG   H N N 86  
CYS HXT  H N N 87  
GLN N    N N N 88  
GLN CA   C N S 89  
GLN C    C N N 90  
GLN O    O N N 91  
GLN CB   C N N 92  
GLN CG   C N N 93  
GLN CD   C N N 94  
GLN OE1  O N N 95  
GLN NE2  N N N 96  
GLN OXT  O N N 97  
GLN H    H N N 98  
GLN H2   H N N 99  
GLN HA   H N N 100 
GLN HB2  H N N 101 
GLN HB3  H N N 102 
GLN HG2  H N N 103 
GLN HG3  H N N 104 
GLN HE21 H N N 105 
GLN HE22 H N N 106 
GLN HXT  H N N 107 
GLU N    N N N 108 
GLU CA   C N S 109 
GLU C    C N N 110 
GLU O    O N N 111 
GLU CB   C N N 112 
GLU CG   C N N 113 
GLU CD   C N N 114 
GLU OE1  O N N 115 
GLU OE2  O N N 116 
GLU OXT  O N N 117 
GLU H    H N N 118 
GLU H2   H N N 119 
GLU HA   H N N 120 
GLU HB2  H N N 121 
GLU HB3  H N N 122 
GLU HG2  H N N 123 
GLU HG3  H N N 124 
GLU HE2  H N N 125 
GLU HXT  H N N 126 
GLY N    N N N 127 
GLY CA   C N N 128 
GLY C    C N N 129 
GLY O    O N N 130 
GLY OXT  O N N 131 
GLY H    H N N 132 
GLY H2   H N N 133 
GLY HA2  H N N 134 
GLY HA3  H N N 135 
GLY HXT  H N N 136 
HIS N    N N N 137 
HIS CA   C N S 138 
HIS C    C N N 139 
HIS O    O N N 140 
HIS CB   C N N 141 
HIS CG   C Y N 142 
HIS ND1  N Y N 143 
HIS CD2  C Y N 144 
HIS CE1  C Y N 145 
HIS NE2  N Y N 146 
HIS OXT  O N N 147 
HIS H    H N N 148 
HIS H2   H N N 149 
HIS HA   H N N 150 
HIS HB2  H N N 151 
HIS HB3  H N N 152 
HIS HD1  H N N 153 
HIS HD2  H N N 154 
HIS HE1  H N N 155 
HIS HE2  H N N 156 
HIS HXT  H N N 157 
HOH O    O N N 158 
HOH H1   H N N 159 
HOH H2   H N N 160 
ILE N    N N N 161 
ILE CA   C N S 162 
ILE C    C N N 163 
ILE O    O N N 164 
ILE CB   C N S 165 
ILE CG1  C N N 166 
ILE CG2  C N N 167 
ILE CD1  C N N 168 
ILE OXT  O N N 169 
ILE H    H N N 170 
ILE H2   H N N 171 
ILE HA   H N N 172 
ILE HB   H N N 173 
ILE HG12 H N N 174 
ILE HG13 H N N 175 
ILE HG21 H N N 176 
ILE HG22 H N N 177 
ILE HG23 H N N 178 
ILE HD11 H N N 179 
ILE HD12 H N N 180 
ILE HD13 H N N 181 
ILE HXT  H N N 182 
LEU N    N N N 183 
LEU CA   C N S 184 
LEU C    C N N 185 
LEU O    O N N 186 
LEU CB   C N N 187 
LEU CG   C N N 188 
LEU CD1  C N N 189 
LEU CD2  C N N 190 
LEU OXT  O N N 191 
LEU H    H N N 192 
LEU H2   H N N 193 
LEU HA   H N N 194 
LEU HB2  H N N 195 
LEU HB3  H N N 196 
LEU HG   H N N 197 
LEU HD11 H N N 198 
LEU HD12 H N N 199 
LEU HD13 H N N 200 
LEU HD21 H N N 201 
LEU HD22 H N N 202 
LEU HD23 H N N 203 
LEU HXT  H N N 204 
LYS N    N N N 205 
LYS CA   C N S 206 
LYS C    C N N 207 
LYS O    O N N 208 
LYS CB   C N N 209 
LYS CG   C N N 210 
LYS CD   C N N 211 
LYS CE   C N N 212 
LYS NZ   N N N 213 
LYS OXT  O N N 214 
LYS H    H N N 215 
LYS H2   H N N 216 
LYS HA   H N N 217 
LYS HB2  H N N 218 
LYS HB3  H N N 219 
LYS HG2  H N N 220 
LYS HG3  H N N 221 
LYS HD2  H N N 222 
LYS HD3  H N N 223 
LYS HE2  H N N 224 
LYS HE3  H N N 225 
LYS HZ1  H N N 226 
LYS HZ2  H N N 227 
LYS HZ3  H N N 228 
LYS HXT  H N N 229 
MET N    N N N 230 
MET CA   C N S 231 
MET C    C N N 232 
MET O    O N N 233 
MET CB   C N N 234 
MET CG   C N N 235 
MET SD   S N N 236 
MET CE   C N N 237 
MET OXT  O N N 238 
MET H    H N N 239 
MET H2   H N N 240 
MET HA   H N N 241 
MET HB2  H N N 242 
MET HB3  H N N 243 
MET HG2  H N N 244 
MET HG3  H N N 245 
MET HE1  H N N 246 
MET HE2  H N N 247 
MET HE3  H N N 248 
MET HXT  H N N 249 
PRO N    N N N 250 
PRO CA   C N S 251 
PRO C    C N N 252 
PRO O    O N N 253 
PRO CB   C N N 254 
PRO CG   C N N 255 
PRO CD   C N N 256 
PRO OXT  O N N 257 
PRO H    H N N 258 
PRO HA   H N N 259 
PRO HB2  H N N 260 
PRO HB3  H N N 261 
PRO HG2  H N N 262 
PRO HG3  H N N 263 
PRO HD2  H N N 264 
PRO HD3  H N N 265 
PRO HXT  H N N 266 
SER N    N N N 267 
SER CA   C N S 268 
SER C    C N N 269 
SER O    O N N 270 
SER CB   C N N 271 
SER OG   O N N 272 
SER OXT  O N N 273 
SER H    H N N 274 
SER H2   H N N 275 
SER HA   H N N 276 
SER HB2  H N N 277 
SER HB3  H N N 278 
SER HG   H N N 279 
SER HXT  H N N 280 
TRP N    N N N 281 
TRP CA   C N S 282 
TRP C    C N N 283 
TRP O    O N N 284 
TRP CB   C N N 285 
TRP CG   C Y N 286 
TRP CD1  C Y N 287 
TRP CD2  C Y N 288 
TRP NE1  N Y N 289 
TRP CE2  C Y N 290 
TRP CE3  C Y N 291 
TRP CZ2  C Y N 292 
TRP CZ3  C Y N 293 
TRP CH2  C Y N 294 
TRP OXT  O N N 295 
TRP H    H N N 296 
TRP H2   H N N 297 
TRP HA   H N N 298 
TRP HB2  H N N 299 
TRP HB3  H N N 300 
TRP HD1  H N N 301 
TRP HE1  H N N 302 
TRP HE3  H N N 303 
TRP HZ2  H N N 304 
TRP HZ3  H N N 305 
TRP HH2  H N N 306 
TRP HXT  H N N 307 
TYR N    N N N 308 
TYR CA   C N S 309 
TYR C    C N N 310 
TYR O    O N N 311 
TYR CB   C N N 312 
TYR CG   C Y N 313 
TYR CD1  C Y N 314 
TYR CD2  C Y N 315 
TYR CE1  C Y N 316 
TYR CE2  C Y N 317 
TYR CZ   C Y N 318 
TYR OH   O N N 319 
TYR OXT  O N N 320 
TYR H    H N N 321 
TYR H2   H N N 322 
TYR HA   H N N 323 
TYR HB2  H N N 324 
TYR HB3  H N N 325 
TYR HD1  H N N 326 
TYR HD2  H N N 327 
TYR HE1  H N N 328 
TYR HE2  H N N 329 
TYR HH   H N N 330 
TYR HXT  H N N 331 
VAL N    N N N 332 
VAL CA   C N S 333 
VAL C    C N N 334 
VAL O    O N N 335 
VAL CB   C N N 336 
VAL CG1  C N N 337 
VAL CG2  C N N 338 
VAL OXT  O N N 339 
VAL H    H N N 340 
VAL H2   H N N 341 
VAL HA   H N N 342 
VAL HB   H N N 343 
VAL HG11 H N N 344 
VAL HG12 H N N 345 
VAL HG13 H N N 346 
VAL HG21 H N N 347 
VAL HG22 H N N 348 
VAL HG23 H N N 349 
VAL HXT  H N N 350 
# 
loop_
_chem_comp_bond.comp_id 
_chem_comp_bond.atom_id_1 
_chem_comp_bond.atom_id_2 
_chem_comp_bond.value_order 
_chem_comp_bond.pdbx_aromatic_flag 
_chem_comp_bond.pdbx_stereo_config 
_chem_comp_bond.pdbx_ordinal 
ALA N   CA   sing N N 1   
ALA N   H    sing N N 2   
ALA N   H2   sing N N 3   
ALA CA  C    sing N N 4   
ALA CA  CB   sing N N 5   
ALA CA  HA   sing N N 6   
ALA C   O    doub N N 7   
ALA C   OXT  sing N N 8   
ALA CB  HB1  sing N N 9   
ALA CB  HB2  sing N N 10  
ALA CB  HB3  sing N N 11  
ALA OXT HXT  sing N N 12  
ARG N   CA   sing N N 13  
ARG N   H    sing N N 14  
ARG N   H2   sing N N 15  
ARG CA  C    sing N N 16  
ARG CA  CB   sing N N 17  
ARG CA  HA   sing N N 18  
ARG C   O    doub N N 19  
ARG C   OXT  sing N N 20  
ARG CB  CG   sing N N 21  
ARG CB  HB2  sing N N 22  
ARG CB  HB3  sing N N 23  
ARG CG  CD   sing N N 24  
ARG CG  HG2  sing N N 25  
ARG CG  HG3  sing N N 26  
ARG CD  NE   sing N N 27  
ARG CD  HD2  sing N N 28  
ARG CD  HD3  sing N N 29  
ARG NE  CZ   sing N N 30  
ARG NE  HE   sing N N 31  
ARG CZ  NH1  sing N N 32  
ARG CZ  NH2  doub N N 33  
ARG NH1 HH11 sing N N 34  
ARG NH1 HH12 sing N N 35  
ARG NH2 HH21 sing N N 36  
ARG NH2 HH22 sing N N 37  
ARG OXT HXT  sing N N 38  
ASN N   CA   sing N N 39  
ASN N   H    sing N N 40  
ASN N   H2   sing N N 41  
ASN CA  C    sing N N 42  
ASN CA  CB   sing N N 43  
ASN CA  HA   sing N N 44  
ASN C   O    doub N N 45  
ASN C   OXT  sing N N 46  
ASN CB  CG   sing N N 47  
ASN CB  HB2  sing N N 48  
ASN CB  HB3  sing N N 49  
ASN CG  OD1  doub N N 50  
ASN CG  ND2  sing N N 51  
ASN ND2 HD21 sing N N 52  
ASN ND2 HD22 sing N N 53  
ASN OXT HXT  sing N N 54  
ASP N   CA   sing N N 55  
ASP N   H    sing N N 56  
ASP N   H2   sing N N 57  
ASP CA  C    sing N N 58  
ASP CA  CB   sing N N 59  
ASP CA  HA   sing N N 60  
ASP C   O    doub N N 61  
ASP C   OXT  sing N N 62  
ASP CB  CG   sing N N 63  
ASP CB  HB2  sing N N 64  
ASP CB  HB3  sing N N 65  
ASP CG  OD1  doub N N 66  
ASP CG  OD2  sing N N 67  
ASP OD2 HD2  sing N N 68  
ASP OXT HXT  sing N N 69  
CYS N   CA   sing N N 70  
CYS N   H    sing N N 71  
CYS N   H2   sing N N 72  
CYS CA  C    sing N N 73  
CYS CA  CB   sing N N 74  
CYS CA  HA   sing N N 75  
CYS C   O    doub N N 76  
CYS C   OXT  sing N N 77  
CYS CB  SG   sing N N 78  
CYS CB  HB2  sing N N 79  
CYS CB  HB3  sing N N 80  
CYS SG  HG   sing N N 81  
CYS OXT HXT  sing N N 82  
GLN N   CA   sing N N 83  
GLN N   H    sing N N 84  
GLN N   H2   sing N N 85  
GLN CA  C    sing N N 86  
GLN CA  CB   sing N N 87  
GLN CA  HA   sing N N 88  
GLN C   O    doub N N 89  
GLN C   OXT  sing N N 90  
GLN CB  CG   sing N N 91  
GLN CB  HB2  sing N N 92  
GLN CB  HB3  sing N N 93  
GLN CG  CD   sing N N 94  
GLN CG  HG2  sing N N 95  
GLN CG  HG3  sing N N 96  
GLN CD  OE1  doub N N 97  
GLN CD  NE2  sing N N 98  
GLN NE2 HE21 sing N N 99  
GLN NE2 HE22 sing N N 100 
GLN OXT HXT  sing N N 101 
GLU N   CA   sing N N 102 
GLU N   H    sing N N 103 
GLU N   H2   sing N N 104 
GLU CA  C    sing N N 105 
GLU CA  CB   sing N N 106 
GLU CA  HA   sing N N 107 
GLU C   O    doub N N 108 
GLU C   OXT  sing N N 109 
GLU CB  CG   sing N N 110 
GLU CB  HB2  sing N N 111 
GLU CB  HB3  sing N N 112 
GLU CG  CD   sing N N 113 
GLU CG  HG2  sing N N 114 
GLU CG  HG3  sing N N 115 
GLU CD  OE1  doub N N 116 
GLU CD  OE2  sing N N 117 
GLU OE2 HE2  sing N N 118 
GLU OXT HXT  sing N N 119 
GLY N   CA   sing N N 120 
GLY N   H    sing N N 121 
GLY N   H2   sing N N 122 
GLY CA  C    sing N N 123 
GLY CA  HA2  sing N N 124 
GLY CA  HA3  sing N N 125 
GLY C   O    doub N N 126 
GLY C   OXT  sing N N 127 
GLY OXT HXT  sing N N 128 
HIS N   CA   sing N N 129 
HIS N   H    sing N N 130 
HIS N   H2   sing N N 131 
HIS CA  C    sing N N 132 
HIS CA  CB   sing N N 133 
HIS CA  HA   sing N N 134 
HIS C   O    doub N N 135 
HIS C   OXT  sing N N 136 
HIS CB  CG   sing N N 137 
HIS CB  HB2  sing N N 138 
HIS CB  HB3  sing N N 139 
HIS CG  ND1  sing Y N 140 
HIS CG  CD2  doub Y N 141 
HIS ND1 CE1  doub Y N 142 
HIS ND1 HD1  sing N N 143 
HIS CD2 NE2  sing Y N 144 
HIS CD2 HD2  sing N N 145 
HIS CE1 NE2  sing Y N 146 
HIS CE1 HE1  sing N N 147 
HIS NE2 HE2  sing N N 148 
HIS OXT HXT  sing N N 149 
HOH O   H1   sing N N 150 
HOH O   H2   sing N N 151 
ILE N   CA   sing N N 152 
ILE N   H    sing N N 153 
ILE N   H2   sing N N 154 
ILE CA  C    sing N N 155 
ILE CA  CB   sing N N 156 
ILE CA  HA   sing N N 157 
ILE C   O    doub N N 158 
ILE C   OXT  sing N N 159 
ILE CB  CG1  sing N N 160 
ILE CB  CG2  sing N N 161 
ILE CB  HB   sing N N 162 
ILE CG1 CD1  sing N N 163 
ILE CG1 HG12 sing N N 164 
ILE CG1 HG13 sing N N 165 
ILE CG2 HG21 sing N N 166 
ILE CG2 HG22 sing N N 167 
ILE CG2 HG23 sing N N 168 
ILE CD1 HD11 sing N N 169 
ILE CD1 HD12 sing N N 170 
ILE CD1 HD13 sing N N 171 
ILE OXT HXT  sing N N 172 
LEU N   CA   sing N N 173 
LEU N   H    sing N N 174 
LEU N   H2   sing N N 175 
LEU CA  C    sing N N 176 
LEU CA  CB   sing N N 177 
LEU CA  HA   sing N N 178 
LEU C   O    doub N N 179 
LEU C   OXT  sing N N 180 
LEU CB  CG   sing N N 181 
LEU CB  HB2  sing N N 182 
LEU CB  HB3  sing N N 183 
LEU CG  CD1  sing N N 184 
LEU CG  CD2  sing N N 185 
LEU CG  HG   sing N N 186 
LEU CD1 HD11 sing N N 187 
LEU CD1 HD12 sing N N 188 
LEU CD1 HD13 sing N N 189 
LEU CD2 HD21 sing N N 190 
LEU CD2 HD22 sing N N 191 
LEU CD2 HD23 sing N N 192 
LEU OXT HXT  sing N N 193 
LYS N   CA   sing N N 194 
LYS N   H    sing N N 195 
LYS N   H2   sing N N 196 
LYS CA  C    sing N N 197 
LYS CA  CB   sing N N 198 
LYS CA  HA   sing N N 199 
LYS C   O    doub N N 200 
LYS C   OXT  sing N N 201 
LYS CB  CG   sing N N 202 
LYS CB  HB2  sing N N 203 
LYS CB  HB3  sing N N 204 
LYS CG  CD   sing N N 205 
LYS CG  HG2  sing N N 206 
LYS CG  HG3  sing N N 207 
LYS CD  CE   sing N N 208 
LYS CD  HD2  sing N N 209 
LYS CD  HD3  sing N N 210 
LYS CE  NZ   sing N N 211 
LYS CE  HE2  sing N N 212 
LYS CE  HE3  sing N N 213 
LYS NZ  HZ1  sing N N 214 
LYS NZ  HZ2  sing N N 215 
LYS NZ  HZ3  sing N N 216 
LYS OXT HXT  sing N N 217 
MET N   CA   sing N N 218 
MET N   H    sing N N 219 
MET N   H2   sing N N 220 
MET CA  C    sing N N 221 
MET CA  CB   sing N N 222 
MET CA  HA   sing N N 223 
MET C   O    doub N N 224 
MET C   OXT  sing N N 225 
MET CB  CG   sing N N 226 
MET CB  HB2  sing N N 227 
MET CB  HB3  sing N N 228 
MET CG  SD   sing N N 229 
MET CG  HG2  sing N N 230 
MET CG  HG3  sing N N 231 
MET SD  CE   sing N N 232 
MET CE  HE1  sing N N 233 
MET CE  HE2  sing N N 234 
MET CE  HE3  sing N N 235 
MET OXT HXT  sing N N 236 
PRO N   CA   sing N N 237 
PRO N   CD   sing N N 238 
PRO N   H    sing N N 239 
PRO CA  C    sing N N 240 
PRO CA  CB   sing N N 241 
PRO CA  HA   sing N N 242 
PRO C   O    doub N N 243 
PRO C   OXT  sing N N 244 
PRO CB  CG   sing N N 245 
PRO CB  HB2  sing N N 246 
PRO CB  HB3  sing N N 247 
PRO CG  CD   sing N N 248 
PRO CG  HG2  sing N N 249 
PRO CG  HG3  sing N N 250 
PRO CD  HD2  sing N N 251 
PRO CD  HD3  sing N N 252 
PRO OXT HXT  sing N N 253 
SER N   CA   sing N N 254 
SER N   H    sing N N 255 
SER N   H2   sing N N 256 
SER CA  C    sing N N 257 
SER CA  CB   sing N N 258 
SER CA  HA   sing N N 259 
SER C   O    doub N N 260 
SER C   OXT  sing N N 261 
SER CB  OG   sing N N 262 
SER CB  HB2  sing N N 263 
SER CB  HB3  sing N N 264 
SER OG  HG   sing N N 265 
SER OXT HXT  sing N N 266 
TRP N   CA   sing N N 267 
TRP N   H    sing N N 268 
TRP N   H2   sing N N 269 
TRP CA  C    sing N N 270 
TRP CA  CB   sing N N 271 
TRP CA  HA   sing N N 272 
TRP C   O    doub N N 273 
TRP C   OXT  sing N N 274 
TRP CB  CG   sing N N 275 
TRP CB  HB2  sing N N 276 
TRP CB  HB3  sing N N 277 
TRP CG  CD1  doub Y N 278 
TRP CG  CD2  sing Y N 279 
TRP CD1 NE1  sing Y N 280 
TRP CD1 HD1  sing N N 281 
TRP CD2 CE2  doub Y N 282 
TRP CD2 CE3  sing Y N 283 
TRP NE1 CE2  sing Y N 284 
TRP NE1 HE1  sing N N 285 
TRP CE2 CZ2  sing Y N 286 
TRP CE3 CZ3  doub Y N 287 
TRP CE3 HE3  sing N N 288 
TRP CZ2 CH2  doub Y N 289 
TRP CZ2 HZ2  sing N N 290 
TRP CZ3 CH2  sing Y N 291 
TRP CZ3 HZ3  sing N N 292 
TRP CH2 HH2  sing N N 293 
TRP OXT HXT  sing N N 294 
TYR N   CA   sing N N 295 
TYR N   H    sing N N 296 
TYR N   H2   sing N N 297 
TYR CA  C    sing N N 298 
TYR CA  CB   sing N N 299 
TYR CA  HA   sing N N 300 
TYR C   O    doub N N 301 
TYR C   OXT  sing N N 302 
TYR CB  CG   sing N N 303 
TYR CB  HB2  sing N N 304 
TYR CB  HB3  sing N N 305 
TYR CG  CD1  doub Y N 306 
TYR CG  CD2  sing Y N 307 
TYR CD1 CE1  sing Y N 308 
TYR CD1 HD1  sing N N 309 
TYR CD2 CE2  doub Y N 310 
TYR CD2 HD2  sing N N 311 
TYR CE1 CZ   doub Y N 312 
TYR CE1 HE1  sing N N 313 
TYR CE2 CZ   sing Y N 314 
TYR CE2 HE2  sing N N 315 
TYR CZ  OH   sing N N 316 
TYR OH  HH   sing N N 317 
TYR OXT HXT  sing N N 318 
VAL N   CA   sing N N 319 
VAL N   H    sing N N 320 
VAL N   H2   sing N N 321 
VAL CA  C    sing N N 322 
VAL CA  CB   sing N N 323 
VAL CA  HA   sing N N 324 
VAL C   O    doub N N 325 
VAL C   OXT  sing N N 326 
VAL CB  CG1  sing N N 327 
VAL CB  CG2  sing N N 328 
VAL CB  HB   sing N N 329 
VAL CG1 HG11 sing N N 330 
VAL CG1 HG12 sing N N 331 
VAL CG1 HG13 sing N N 332 
VAL CG2 HG21 sing N N 333 
VAL CG2 HG22 sing N N 334 
VAL CG2 HG23 sing N N 335 
VAL OXT HXT  sing N N 336 
# 
_atom_sites.entry_id                    1JL9 
_atom_sites.fract_transf_matrix[1][1]   -0.01300468 
_atom_sites.fract_transf_matrix[1][2]   -0.00646159 
_atom_sites.fract_transf_matrix[1][3]   -0.01193622 
_atom_sites.fract_transf_matrix[2][1]   -0.01732134 
_atom_sites.fract_transf_matrix[2][2]   0.00729961 
_atom_sites.fract_transf_matrix[2][3]   0.00011883 
_atom_sites.fract_transf_matrix[3][1]   0.00324256 
_atom_sites.fract_transf_matrix[3][2]   0.00782075 
_atom_sites.fract_transf_matrix[3][3]   -0.00776652 
_atom_sites.fract_transf_vector[1]      0.338252 
_atom_sites.fract_transf_vector[2]      0.833798 
_atom_sites.fract_transf_vector[3]      0.445776 
# 
loop_
_atom_type.symbol 
C 
N 
O 
S 
# 
loop_
_atom_site.group_PDB 
_atom_site.id 
_atom_site.type_symbol 
_atom_site.label_atom_id 
_atom_site.label_alt_id 
_atom_site.label_comp_id 
_atom_site.label_asym_id 
_atom_site.label_entity_id 
_atom_site.label_seq_id 
_atom_site.pdbx_PDB_ins_code 
_atom_site.Cartn_x 
_atom_site.Cartn_y 
_atom_site.Cartn_z 
_atom_site.occupancy 
_atom_site.B_iso_or_equiv 
_atom_site.pdbx_formal_charge 
_atom_site.auth_seq_id 
_atom_site.auth_comp_id 
_atom_site.auth_asym_id 
_atom_site.auth_atom_id 
_atom_site.pdbx_PDB_model_num 
ATOM   1   N N   . CYS A 1 6  ? -2.085  -14.969 14.012  1.00 21.03  ? 6  CYS A N   1 
ATOM   2   C CA  . CYS A 1 6  ? -2.226  -15.551 12.647  1.00 21.03  ? 6  CYS A CA  1 
ATOM   3   C C   . CYS A 1 6  ? -1.468  -16.870 12.567  1.00 21.03  ? 6  CYS A C   1 
ATOM   4   O O   . CYS A 1 6  ? -0.238  -16.892 12.525  1.00 77.66  ? 6  CYS A O   1 
ATOM   5   C CB  . CYS A 1 6  ? -1.676  -14.582 11.601  1.00 77.66  ? 6  CYS A CB  1 
ATOM   6   S SG  . CYS A 1 6  ? -2.452  -14.744 9.962   1.00 77.66  ? 6  CYS A SG  1 
ATOM   7   N N   . PRO A 1 7  ? -2.201  -17.992 12.528  1.00 11.95  ? 7  PRO A N   1 
ATOM   8   C CA  . PRO A 1 7  ? -1.596  -19.324 12.452  1.00 11.95  ? 7  PRO A CA  1 
ATOM   9   C C   . PRO A 1 7  ? -0.922  -19.545 11.102  1.00 11.95  ? 7  PRO A C   1 
ATOM   10  O O   . PRO A 1 7  ? -0.073  -20.423 10.953  1.00 26.94  ? 7  PRO A O   1 
ATOM   11  C CB  . PRO A 1 7  ? -2.779  -20.258 12.658  1.00 26.94  ? 7  PRO A CB  1 
ATOM   12  C CG  . PRO A 1 7  ? -3.944  -19.481 12.115  1.00 26.94  ? 7  PRO A CG  1 
ATOM   13  C CD  . PRO A 1 7  ? -3.673  -18.060 12.521  1.00 26.94  ? 7  PRO A CD  1 
ATOM   14  N N   . LEU A 1 8  ? -1.307  -18.741 10.118  1.00 8.82   ? 8  LEU A N   1 
ATOM   15  C CA  . LEU A 1 8  ? -0.736  -18.851 8.787   1.00 8.82   ? 8  LEU A CA  1 
ATOM   16  C C   . LEU A 1 8  ? 0.793   -18.876 8.864   1.00 8.82   ? 8  LEU A C   1 
ATOM   17  O O   . LEU A 1 8  ? 1.412   -18.062 9.552   1.00 2.00   ? 8  LEU A O   1 
ATOM   18  C CB  . LEU A 1 8  ? -1.206  -17.684 7.918   1.00 2.00   ? 8  LEU A CB  1 
ATOM   19  C CG  . LEU A 1 8  ? -2.676  -17.638 7.489   1.00 2.00   ? 8  LEU A CG  1 
ATOM   20  C CD1 . LEU A 1 8  ? -2.876  -16.425 6.596   1.00 2.00   ? 8  LEU A CD1 1 
ATOM   21  C CD2 . LEU A 1 8  ? -3.081  -18.914 6.760   1.00 2.00   ? 8  LEU A CD2 1 
ATOM   22  N N   . SER A 1 9  ? 1.396   -19.826 8.163   1.00 8.36   ? 9  SER A N   1 
ATOM   23  C CA  . SER A 1 9  ? 2.838   -19.959 8.168   1.00 8.36   ? 9  SER A CA  1 
ATOM   24  C C   . SER A 1 9  ? 3.531   -18.801 7.455   1.00 8.36   ? 9  SER A C   1 
ATOM   25  O O   . SER A 1 9  ? 4.489   -18.229 7.977   1.00 13.73  ? 9  SER A O   1 
ATOM   26  C CB  . SER A 1 9  ? 3.238   -21.287 7.526   1.00 13.73  ? 9  SER A CB  1 
ATOM   27  O OG  . SER A 1 9  ? 2.587   -21.473 6.287   1.00 13.73  ? 9  SER A OG  1 
ATOM   28  N N   . HIS A 1 10 ? 3.049   -18.451 6.266   1.00 29.66  ? 10 HIS A N   1 
ATOM   29  C CA  . HIS A 1 10 ? 3.637   -17.365 5.484   1.00 29.66  ? 10 HIS A CA  1 
ATOM   30  C C   . HIS A 1 10 ? 3.067   -16.009 5.851   1.00 29.66  ? 10 HIS A C   1 
ATOM   31  O O   . HIS A 1 10 ? 1.856   -15.843 5.962   1.00 23.01  ? 10 HIS A O   1 
ATOM   32  C CB  . HIS A 1 10 ? 3.419   -17.603 3.994   1.00 23.01  ? 10 HIS A CB  1 
ATOM   33  C CG  . HIS A 1 10 ? 4.343   -18.618 3.408   1.00 23.01  ? 10 HIS A CG  1 
ATOM   34  N ND1 . HIS A 1 10 ? 3.900   -19.816 2.890   1.00 23.01  ? 10 HIS A ND1 1 
ATOM   35  C CD2 . HIS A 1 10 ? 5.689   -18.620 3.266   1.00 23.01  ? 10 HIS A CD2 1 
ATOM   36  C CE1 . HIS A 1 10 ? 4.934   -20.512 2.454   1.00 23.01  ? 10 HIS A CE1 1 
ATOM   37  N NE2 . HIS A 1 10 ? 6.031   -19.808 2.670   1.00 23.01  ? 10 HIS A NE2 1 
ATOM   38  N N   . ASP A 1 11 ? 3.954   -15.037 6.027   1.00 16.62  ? 11 ASP A N   1 
ATOM   39  C CA  . ASP A 1 11 ? 3.545   -13.683 6.375   1.00 16.62  ? 11 ASP A CA  1 
ATOM   40  C C   . ASP A 1 11 ? 3.170   -12.898 5.126   1.00 16.62  ? 11 ASP A C   1 
ATOM   41  O O   . ASP A 1 11 ? 3.615   -13.217 4.022   1.00 77.42  ? 11 ASP A O   1 
ATOM   42  C CB  . ASP A 1 11 ? 4.674   -12.957 7.114   1.00 77.42  ? 11 ASP A CB  1 
ATOM   43  C CG  . ASP A 1 11 ? 4.155   -11.884 8.060   1.00 77.42  ? 11 ASP A CG  1 
ATOM   44  O OD1 . ASP A 1 11 ? 3.453   -10.964 7.585   1.00 77.42  ? 11 ASP A OD1 1 
ATOM   45  O OD2 . ASP A 1 11 ? 4.448   -11.956 9.276   1.00 77.42  ? 11 ASP A OD2 1 
ATOM   46  N N   . GLY A 1 12 ? 2.336   -11.882 5.311   1.00 16.59  ? 12 GLY A N   1 
ATOM   47  C CA  . GLY A 1 12 ? 1.935   -11.054 4.194   1.00 16.59  ? 12 GLY A CA  1 
ATOM   48  C C   . GLY A 1 12 ? 0.459   -10.977 3.866   1.00 16.59  ? 12 GLY A C   1 
ATOM   49  O O   . GLY A 1 12 ? 0.090   -10.327 2.886   1.00 49.13  ? 12 GLY A O   1 
ATOM   50  N N   . TYR A 1 13 ? -0.394  -11.626 4.654   1.00 18.10  ? 13 TYR A N   1 
ATOM   51  C CA  . TYR A 1 13 ? -1.818  -11.561 4.358   1.00 18.10  ? 13 TYR A CA  1 
ATOM   52  C C   . TYR A 1 13 ? -2.297  -10.119 4.548   1.00 18.10  ? 13 TYR A C   1 
ATOM   53  O O   . TYR A 1 13 ? -3.002  -9.585  3.691   1.00 8.44   ? 13 TYR A O   1 
ATOM   54  C CB  . TYR A 1 13 ? -2.608  -12.528 5.250   1.00 8.44   ? 13 TYR A CB  1 
ATOM   55  C CG  . TYR A 1 13 ? -4.095  -12.552 4.953   1.00 8.44   ? 13 TYR A CG  1 
ATOM   56  C CD1 . TYR A 1 13 ? -4.605  -13.296 3.887   1.00 8.44   ? 13 TYR A CD1 1 
ATOM   57  C CD2 . TYR A 1 13 ? -4.983  -11.781 5.699   1.00 8.44   ? 13 TYR A CD2 1 
ATOM   58  C CE1 . TYR A 1 13 ? -5.962  -13.260 3.570   1.00 8.44   ? 13 TYR A CE1 1 
ATOM   59  C CE2 . TYR A 1 13 ? -6.337  -11.741 5.386   1.00 8.44   ? 13 TYR A CE2 1 
ATOM   60  C CZ  . TYR A 1 13 ? -6.817  -12.477 4.321   1.00 8.44   ? 13 TYR A CZ  1 
ATOM   61  O OH  . TYR A 1 13 ? -8.148  -12.401 4.003   1.00 8.44   ? 13 TYR A OH  1 
ATOM   62  N N   . CYS A 1 14 ? -1.905  -9.489  5.656   1.00 8.48   ? 14 CYS A N   1 
ATOM   63  C CA  . CYS A 1 14 ? -2.272  -8.093  5.920   1.00 8.48   ? 14 CYS A CA  1 
ATOM   64  C C   . CYS A 1 14 ? -1.070  -7.229  5.600   1.00 8.48   ? 14 CYS A C   1 
ATOM   65  O O   . CYS A 1 14 ? -0.093  -7.243  6.347   1.00 32.52  ? 14 CYS A O   1 
ATOM   66  C CB  . CYS A 1 14 ? -2.611  -7.862  7.389   1.00 32.52  ? 14 CYS A CB  1 
ATOM   67  S SG  . CYS A 1 14 ? -3.724  -9.089  8.105   1.00 32.52  ? 14 CYS A SG  1 
ATOM   68  N N   . LEU A 1 15 ? -1.128  -6.475  4.505   1.00 13.99  ? 15 LEU A N   1 
ATOM   69  C CA  . LEU A 1 15 ? -0.005  -5.621  4.144   1.00 13.99  ? 15 LEU A CA  1 
ATOM   70  C C   . LEU A 1 15 ? 0.105   -4.473  5.140   1.00 13.99  ? 15 LEU A C   1 
ATOM   71  O O   . LEU A 1 15 ? -0.783  -4.274  5.970   1.00 11.23  ? 15 LEU A O   1 
ATOM   72  C CB  . LEU A 1 15 ? -0.185  -5.078  2.727   1.00 11.23  ? 15 LEU A CB  1 
ATOM   73  C CG  . LEU A 1 15 ? -0.961  -5.998  1.788   1.00 11.23  ? 15 LEU A CG  1 
ATOM   74  C CD1 . LEU A 1 15 ? -1.980  -5.192  1.018   1.00 11.23  ? 15 LEU A CD1 1 
ATOM   75  C CD2 . LEU A 1 15 ? -0.017  -6.663  0.833   1.00 11.23  ? 15 LEU A CD2 1 
ATOM   76  N N   . HIS A 1 16 ? 1.213   -3.742  5.062   1.00 6.94   ? 16 HIS A N   1 
ATOM   77  C CA  . HIS A 1 16 ? 1.481   -2.601  5.930   1.00 6.94   ? 16 HIS A CA  1 
ATOM   78  C C   . HIS A 1 16 ? 1.241   -2.843  7.415   1.00 6.94   ? 16 HIS A C   1 
ATOM   79  O O   . HIS A 1 16 ? 0.212   -2.433  7.958   1.00 14.74  ? 16 HIS A O   1 
ATOM   80  C CB  . HIS A 1 16 ? 0.663   -1.408  5.460   1.00 14.74  ? 16 HIS A CB  1 
ATOM   81  C CG  . HIS A 1 16 ? 0.648   -1.247  3.977   1.00 14.74  ? 16 HIS A CG  1 
ATOM   82  N ND1 . HIS A 1 16 ? -0.517  -1.160  3.251   1.00 14.74  ? 16 HIS A ND1 1 
ATOM   83  C CD2 . HIS A 1 16 ? 1.654   -1.153  3.081   1.00 14.74  ? 16 HIS A CD2 1 
ATOM   84  C CE1 . HIS A 1 16 ? -0.230  -1.010  1.970   1.00 14.74  ? 16 HIS A CE1 1 
ATOM   85  N NE2 . HIS A 1 16 ? 1.081   -1.002  1.841   1.00 14.74  ? 16 HIS A NE2 1 
ATOM   86  N N   . ASP A 1 17 ? 2.198   -3.514  8.057   1.00 51.58  ? 17 ASP A N   1 
ATOM   87  C CA  . ASP A 1 17 ? 2.179   -3.826  9.491   1.00 51.58  ? 17 ASP A CA  1 
ATOM   88  C C   . ASP A 1 17 ? 0.836   -4.160  10.153  1.00 51.58  ? 17 ASP A C   1 
ATOM   89  O O   . ASP A 1 17 ? 0.611   -3.811  11.316  1.00 94.26  ? 17 ASP A O   1 
ATOM   90  C CB  . ASP A 1 17 ? 2.837   -2.683  10.268  1.00 94.26  ? 17 ASP A CB  1 
ATOM   91  C CG  . ASP A 1 17 ? 4.336   -2.626  10.064  1.00 94.26  ? 17 ASP A CG  1 
ATOM   92  O OD1 . ASP A 1 17 ? 4.929   -1.557  10.320  1.00 94.26  ? 17 ASP A OD1 1 
ATOM   93  O OD2 . ASP A 1 17 ? 4.921   -3.649  9.649   1.00 94.26  ? 17 ASP A OD2 1 
ATOM   94  N N   . GLY A 1 18 ? -0.046  -4.841  9.429   1.00 53.65  ? 18 GLY A N   1 
ATOM   95  C CA  . GLY A 1 18 ? -1.334  -5.197  9.998   1.00 53.65  ? 18 GLY A CA  1 
ATOM   96  C C   . GLY A 1 18 ? -1.348  -6.633  10.478  1.00 53.65  ? 18 GLY A C   1 
ATOM   97  O O   . GLY A 1 18 ? -0.714  -7.495  9.874   1.00 19.75  ? 18 GLY A O   1 
ATOM   98  N N   . VAL A 1 19 ? -2.069  -6.898  11.563  1.00 57.26  ? 19 VAL A N   1 
ATOM   99  C CA  . VAL A 1 19 ? -2.139  -8.251  12.107  1.00 57.26  ? 19 VAL A CA  1 
ATOM   100 C C   . VAL A 1 19 ? -3.375  -8.986  11.609  1.00 57.26  ? 19 VAL A C   1 
ATOM   101 O O   . VAL A 1 19 ? -4.437  -8.389  11.439  1.00 71.50  ? 19 VAL A O   1 
ATOM   102 C CB  . VAL A 1 19 ? -2.129  -8.233  13.658  1.00 71.50  ? 19 VAL A CB  1 
ATOM   103 C CG1 . VAL A 1 19 ? -3.526  -8.494  14.212  1.00 71.50  ? 19 VAL A CG1 1 
ATOM   104 C CG2 . VAL A 1 19 ? -1.147  -9.274  14.172  1.00 71.50  ? 19 VAL A CG2 1 
ATOM   105 N N   . CYS A 1 20 ? -3.229  -10.287 11.381  1.00 15.45  ? 20 CYS A N   1 
ATOM   106 C CA  . CYS A 1 20 ? -4.337  -11.096 10.892  1.00 15.45  ? 20 CYS A CA  1 
ATOM   107 C C   . CYS A 1 20 ? -5.014  -11.866 12.011  1.00 15.45  ? 20 CYS A C   1 
ATOM   108 O O   . CYS A 1 20 ? -4.421  -12.129 13.052  1.00 24.77  ? 20 CYS A O   1 
ATOM   109 C CB  . CYS A 1 20 ? -3.849  -12.069 9.821   1.00 24.77  ? 20 CYS A CB  1 
ATOM   110 S SG  . CYS A 1 20 ? -4.237  -13.810 10.182  1.00 24.77  ? 20 CYS A SG  1 
ATOM   111 N N   . MET A 1 21 ? -6.269  -12.225 11.786  1.00 24.89  ? 21 MET A N   1 
ATOM   112 C CA  . MET A 1 21 ? -7.028  -12.961 12.769  1.00 24.89  ? 21 MET A CA  1 
ATOM   113 C C   . MET A 1 21 ? -8.018  -13.884 12.085  1.00 24.89  ? 21 MET A C   1 
ATOM   114 O O   . MET A 1 21 ? -8.515  -13.596 10.996  1.00 46.88  ? 21 MET A O   1 
ATOM   115 C CB  . MET A 1 21 ? -7.762  -11.996 13.691  1.00 46.88  ? 21 MET A CB  1 
ATOM   116 C CG  . MET A 1 21 ? -9.061  -11.476 13.129  1.00 46.88  ? 21 MET A CG  1 
ATOM   117 S SD  . MET A 1 21 ? -9.899  -10.422 14.319  1.00 46.88  ? 21 MET A SD  1 
ATOM   118 C CE  . MET A 1 21 ? -8.505  -9.387  14.896  1.00 46.88  ? 21 MET A CE  1 
ATOM   119 N N   . TYR A 1 22 ? -8.299  -15.000 12.744  1.00 38.25  ? 22 TYR A N   1 
ATOM   120 C CA  . TYR A 1 22 ? -9.215  -15.992 12.217  1.00 38.25  ? 22 TYR A CA  1 
ATOM   121 C C   . TYR A 1 22 ? -10.580 -15.883 12.884  1.00 38.25  ? 22 TYR A C   1 
ATOM   122 O O   . TYR A 1 22 ? -10.688 -15.906 14.108  1.00 16.70  ? 22 TYR A O   1 
ATOM   123 C CB  . TYR A 1 22 ? -8.629  -17.384 12.441  1.00 16.70  ? 22 TYR A CB  1 
ATOM   124 C CG  . TYR A 1 22 ? -9.420  -18.507 11.828  1.00 16.70  ? 22 TYR A CG  1 
ATOM   125 C CD1 . TYR A 1 22 ? -9.892  -19.554 12.615  1.00 16.70  ? 22 TYR A CD1 1 
ATOM   126 C CD2 . TYR A 1 22 ? -9.695  -18.530 10.461  1.00 16.70  ? 22 TYR A CD2 1 
ATOM   127 C CE1 . TYR A 1 22 ? -10.620 -20.596 12.061  1.00 16.70  ? 22 TYR A CE1 1 
ATOM   128 C CE2 . TYR A 1 22 ? -10.422 -19.567 9.893   1.00 16.70  ? 22 TYR A CE2 1 
ATOM   129 C CZ  . TYR A 1 22 ? -10.883 -20.600 10.700  1.00 16.70  ? 22 TYR A CZ  1 
ATOM   130 O OH  . TYR A 1 22 ? -11.609 -21.634 10.153  1.00 16.70  ? 22 TYR A OH  1 
ATOM   131 N N   . ILE A 1 23 ? -11.619 -15.743 12.067  1.00 6.82   ? 23 ILE A N   1 
ATOM   132 C CA  . ILE A 1 23 ? -12.979 -15.648 12.558  1.00 6.82   ? 23 ILE A CA  1 
ATOM   133 C C   . ILE A 1 23 ? -13.579 -17.036 12.384  1.00 6.82   ? 23 ILE A C   1 
ATOM   134 O O   . ILE A 1 23 ? -14.149 -17.377 11.333  1.00 4.15   ? 23 ILE A O   1 
ATOM   135 C CB  . ILE A 1 23 ? -13.777 -14.613 11.762  1.00 4.15   ? 23 ILE A CB  1 
ATOM   136 C CG1 . ILE A 1 23 ? -13.520 -13.214 12.318  1.00 4.15   ? 23 ILE A CG1 1 
ATOM   137 C CG2 . ILE A 1 23 ? -15.253 -14.903 11.871  1.00 4.15   ? 23 ILE A CG2 1 
ATOM   138 C CD1 . ILE A 1 23 ? -12.089 -12.949 12.741  1.00 4.15   ? 23 ILE A CD1 1 
ATOM   139 N N   . GLU A 1 24 ? -13.416 -17.840 13.427  1.00 12.65  ? 24 GLU A N   1 
ATOM   140 C CA  . GLU A 1 24 ? -13.905 -19.205 13.434  1.00 12.65  ? 24 GLU A CA  1 
ATOM   141 C C   . GLU A 1 24 ? -15.331 -19.304 12.920  1.00 12.65  ? 24 GLU A C   1 
ATOM   142 O O   . GLU A 1 24 ? -15.602 -19.994 11.935  1.00 100.00 ? 24 GLU A O   1 
ATOM   143 C CB  . GLU A 1 24 ? -13.833 -19.779 14.852  1.00 100.00 ? 24 GLU A CB  1 
ATOM   144 C CG  . GLU A 1 24 ? -12.470 -19.638 15.521  1.00 100.00 ? 24 GLU A CG  1 
ATOM   145 C CD  . GLU A 1 24 ? -12.162 -18.213 15.944  1.00 100.00 ? 24 GLU A CD  1 
ATOM   146 O OE1 . GLU A 1 24 ? -13.114 -17.423 16.119  1.00 100.00 ? 24 GLU A OE1 1 
ATOM   147 O OE2 . GLU A 1 24 ? -10.965 -17.883 16.100  1.00 100.00 ? 24 GLU A OE2 1 
ATOM   148 N N   . ALA A 1 25 ? -16.237 -18.596 13.585  1.00 35.08  ? 25 ALA A N   1 
ATOM   149 C CA  . ALA A 1 25 ? -17.650 -18.621 13.229  1.00 35.08  ? 25 ALA A CA  1 
ATOM   150 C C   . ALA A 1 25 ? -17.897 -18.569 11.734  1.00 35.08  ? 25 ALA A C   1 
ATOM   151 O O   . ALA A 1 25 ? -18.921 -19.048 11.257  1.00 24.76  ? 25 ALA A O   1 
ATOM   152 C CB  . ALA A 1 25 ? -18.387 -17.476 13.916  1.00 24.76  ? 25 ALA A CB  1 
ATOM   153 N N   . LEU A 1 26 ? -16.958 -17.997 10.990  1.00 18.74  ? 26 LEU A N   1 
ATOM   154 C CA  . LEU A 1 26 ? -17.134 -17.883 9.554   1.00 18.74  ? 26 LEU A CA  1 
ATOM   155 C C   . LEU A 1 26 ? -15.979 -18.486 8.784   1.00 18.74  ? 26 LEU A C   1 
ATOM   156 O O   . LEU A 1 26 ? -15.980 -18.478 7.553   1.00 26.37  ? 26 LEU A O   1 
ATOM   157 C CB  . LEU A 1 26 ? -17.306 -16.409 9.173   1.00 26.37  ? 26 LEU A CB  1 
ATOM   158 C CG  . LEU A 1 26 ? -18.512 -15.695 9.794   1.00 26.37  ? 26 LEU A CG  1 
ATOM   159 C CD1 . LEU A 1 26 ? -18.060 -14.503 10.620  1.00 26.37  ? 26 LEU A CD1 1 
ATOM   160 C CD2 . LEU A 1 26 ? -19.448 -15.244 8.695   1.00 26.37  ? 26 LEU A CD2 1 
ATOM   161 N N   . ASP A 1 27 ? -14.994 -19.018 9.498   1.00 34.51  ? 27 ASP A N   1 
ATOM   162 C CA  . ASP A 1 27 ? -13.847 -19.619 8.831   1.00 34.51  ? 27 ASP A CA  1 
ATOM   163 C C   . ASP A 1 27 ? -13.189 -18.552 7.965   1.00 34.51  ? 27 ASP A C   1 
ATOM   164 O O   . ASP A 1 27 ? -12.500 -18.855 6.988   1.00 64.04  ? 27 ASP A O   1 
ATOM   165 C CB  . ASP A 1 27 ? -14.313 -20.779 7.951   1.00 64.04  ? 27 ASP A CB  1 
ATOM   166 C CG  . ASP A 1 27 ? -13.686 -22.103 8.343   1.00 64.04  ? 27 ASP A CG  1 
ATOM   167 O OD1 . ASP A 1 27 ? -13.032 -22.715 7.481   1.00 64.04  ? 27 ASP A OD1 1 
ATOM   168 O OD2 . ASP A 1 27 ? -13.851 -22.530 9.507   1.00 64.04  ? 27 ASP A OD2 1 
ATOM   169 N N   . LYS A 1 28 ? -13.413 -17.299 8.336   1.00 20.35  ? 28 LYS A N   1 
ATOM   170 C CA  . LYS A 1 28 ? -12.868 -16.178 7.599   1.00 20.35  ? 28 LYS A CA  1 
ATOM   171 C C   . LYS A 1 28 ? -11.709 -15.526 8.333   1.00 20.35  ? 28 LYS A C   1 
ATOM   172 O O   . LYS A 1 28 ? -11.633 -15.564 9.557   1.00 47.51  ? 28 LYS A O   1 
ATOM   173 C CB  . LYS A 1 28 ? -13.963 -15.146 7.343   1.00 47.51  ? 28 LYS A CB  1 
ATOM   174 C CG  . LYS A 1 28 ? -14.427 -15.092 5.899   1.00 47.51  ? 28 LYS A CG  1 
ATOM   175 C CD  . LYS A 1 28 ? -15.786 -15.759 5.721   1.00 47.51  ? 28 LYS A CD  1 
ATOM   176 C CE  . LYS A 1 28 ? -16.473 -15.287 4.439   1.00 47.51  ? 28 LYS A CE  1 
ATOM   177 N NZ  . LYS A 1 28 ? -17.072 -16.406 3.645   1.00 47.51  ? 28 LYS A NZ  1 
ATOM   178 N N   . TYR A 1 29 ? -10.799 -14.943 7.561   1.00 34.85  ? 29 TYR A N   1 
ATOM   179 C CA  . TYR A 1 29 ? -9.635  -14.250 8.103   1.00 34.85  ? 29 TYR A CA  1 
ATOM   180 C C   . TYR A 1 29 ? -9.902  -12.754 8.055   1.00 34.85  ? 29 TYR A C   1 
ATOM   181 O O   . TYR A 1 29 ? -10.480 -12.245 7.095   1.00 8.66   ? 29 TYR A O   1 
ATOM   182 C CB  . TYR A 1 29 ? -8.393  -14.543 7.260   1.00 8.66   ? 29 TYR A CB  1 
ATOM   183 C CG  . TYR A 1 29 ? -7.753  -15.862 7.559   1.00 8.66   ? 29 TYR A CG  1 
ATOM   184 C CD1 . TYR A 1 29 ? -8.097  -16.996 6.841   1.00 8.66   ? 29 TYR A CD1 1 
ATOM   185 C CD2 . TYR A 1 29 ? -6.812  -15.983 8.572   1.00 8.66   ? 29 TYR A CD2 1 
ATOM   186 C CE1 . TYR A 1 29 ? -7.516  -18.232 7.126   1.00 8.66   ? 29 TYR A CE1 1 
ATOM   187 C CE2 . TYR A 1 29 ? -6.229  -17.210 8.865   1.00 8.66   ? 29 TYR A CE2 1 
ATOM   188 C CZ  . TYR A 1 29 ? -6.584  -18.331 8.139   1.00 8.66   ? 29 TYR A CZ  1 
ATOM   189 O OH  . TYR A 1 29 ? -5.992  -19.538 8.428   1.00 8.66   ? 29 TYR A OH  1 
ATOM   190 N N   . ALA A 1 30 ? -9.488  -12.041 9.087   1.00 2.00   ? 30 ALA A N   1 
ATOM   191 C CA  . ALA A 1 30 ? -9.674  -10.600 9.103   1.00 2.00   ? 30 ALA A CA  1 
ATOM   192 C C   . ALA A 1 30 ? -8.301  -10.032 9.362   1.00 2.00   ? 30 ALA A C   1 
ATOM   193 O O   . ALA A 1 30 ? -7.371  -10.781 9.640   1.00 26.57  ? 30 ALA A O   1 
ATOM   194 C CB  . ALA A 1 30 ? -10.639 -10.195 10.203  1.00 26.57  ? 30 ALA A CB  1 
ATOM   195 N N   . CYS A 1 31 ? -8.169  -8.716  9.263   1.00 20.64  ? 31 CYS A N   1 
ATOM   196 C CA  . CYS A 1 31 ? -6.887  -8.068  9.479   1.00 20.64  ? 31 CYS A CA  1 
ATOM   197 C C   . CYS A 1 31 ? -7.033  -6.901  10.441  1.00 20.64  ? 31 CYS A C   1 
ATOM   198 O O   . CYS A 1 31 ? -8.069  -6.241  10.490  1.00 2.00   ? 31 CYS A O   1 
ATOM   199 C CB  . CYS A 1 31 ? -6.320  -7.557  8.143   1.00 2.00   ? 31 CYS A CB  1 
ATOM   200 S SG  . CYS A 1 31 ? -5.456  -8.791  7.109   1.00 2.00   ? 31 CYS A SG  1 
ATOM   201 N N   . ASN A 1 32 ? -6.002  -6.670  11.237  1.00 10.44  ? 32 ASN A N   1 
ATOM   202 C CA  . ASN A 1 32 ? -6.017  -5.538  12.138  1.00 10.44  ? 32 ASN A CA  1 
ATOM   203 C C   . ASN A 1 32 ? -4.992  -4.522  11.616  1.00 10.44  ? 32 ASN A C   1 
ATOM   204 O O   . ASN A 1 32 ? -3.908  -4.360  12.179  1.00 79.43  ? 32 ASN A O   1 
ATOM   205 C CB  . ASN A 1 32 ? -5.675  -5.960  13.562  1.00 79.43  ? 32 ASN A CB  1 
ATOM   206 C CG  . ASN A 1 32 ? -6.475  -5.195  14.590  1.00 79.43  ? 32 ASN A CG  1 
ATOM   207 O OD1 . ASN A 1 32 ? -6.640  -3.975  14.484  1.00 79.43  ? 32 ASN A OD1 1 
ATOM   208 N ND2 . ASN A 1 32 ? -6.987  -5.904  15.588  1.00 79.43  ? 32 ASN A ND2 1 
ATOM   209 N N   . CYS A 1 33 ? -5.351  -3.856  10.520  1.00 45.52  ? 33 CYS A N   1 
ATOM   210 C CA  . CYS A 1 33 ? -4.495  -2.855  9.889   1.00 45.52  ? 33 CYS A CA  1 
ATOM   211 C C   . CYS A 1 33 ? -3.965  -1.876  10.901  1.00 45.52  ? 33 CYS A C   1 
ATOM   212 O O   . CYS A 1 33 ? -4.459  -1.800  12.024  1.00 21.46  ? 33 CYS A O   1 
ATOM   213 C CB  . CYS A 1 33 ? -5.272  -2.055  8.854   1.00 21.46  ? 33 CYS A CB  1 
ATOM   214 S SG  . CYS A 1 33 ? -5.998  -3.067  7.549   1.00 21.46  ? 33 CYS A SG  1 
ATOM   215 N N   . VAL A 1 34 ? -2.963  -1.113  10.483  1.00 10.80  ? 34 VAL A N   1 
ATOM   216 C CA  . VAL A 1 34 ? -2.378  -0.100  11.337  1.00 10.80  ? 34 VAL A CA  1 
ATOM   217 C C   . VAL A 1 34 ? -3.106  1.191   10.987  1.00 10.80  ? 34 VAL A C   1 
ATOM   218 O O   . VAL A 1 34 ? -3.691  1.308   9.909   1.00 38.54  ? 34 VAL A O   1 
ATOM   219 C CB  . VAL A 1 34 ? -0.877  0.040   11.065  1.00 38.54  ? 34 VAL A CB  1 
ATOM   220 C CG1 . VAL A 1 34 ? -0.103  -0.876  11.993  1.00 38.54  ? 34 VAL A CG1 1 
ATOM   221 C CG2 . VAL A 1 34 ? -0.581  -0.314  9.614   1.00 38.54  ? 34 VAL A CG2 1 
ATOM   222 N N   . VAL A 1 35 ? -3.087  2.155   11.899  1.00 41.06  ? 35 VAL A N   1 
ATOM   223 C CA  . VAL A 1 35 ? -3.770  3.418   11.656  1.00 41.06  ? 35 VAL A CA  1 
ATOM   224 C C   . VAL A 1 35 ? -3.395  4.027   10.304  1.00 41.06  ? 35 VAL A C   1 
ATOM   225 O O   . VAL A 1 35 ? -2.227  4.042   9.907   1.00 49.89  ? 35 VAL A O   1 
ATOM   226 C CB  . VAL A 1 35 ? -3.479  4.435   12.797  1.00 49.89  ? 35 VAL A CB  1 
ATOM   227 C CG1 . VAL A 1 35 ? -2.095  5.038   12.631  1.00 49.89  ? 35 VAL A CG1 1 
ATOM   228 C CG2 . VAL A 1 35 ? -4.540  5.520   12.804  1.00 49.89  ? 35 VAL A CG2 1 
ATOM   229 N N   . GLY A 1 36 ? -4.406  4.514   9.593   1.00 17.60  ? 36 GLY A N   1 
ATOM   230 C CA  . GLY A 1 36 ? -4.173  5.120   8.300   1.00 17.60  ? 36 GLY A CA  1 
ATOM   231 C C   . GLY A 1 36 ? -4.368  4.149   7.157   1.00 17.60  ? 36 GLY A C   1 
ATOM   232 O O   . GLY A 1 36 ? -4.341  4.543   5.994   1.00 26.62  ? 36 GLY A O   1 
ATOM   233 N N   . TYR A 1 37 ? -4.565  2.876   7.474   1.00 17.88  ? 37 TYR A N   1 
ATOM   234 C CA  . TYR A 1 37 ? -4.757  1.885   6.429   1.00 17.88  ? 37 TYR A CA  1 
ATOM   235 C C   . TYR A 1 37 ? -6.157  1.294   6.407   1.00 17.88  ? 37 TYR A C   1 
ATOM   236 O O   . TYR A 1 37 ? -6.661  0.791   7.404   1.00 20.08  ? 37 TYR A O   1 
ATOM   237 C CB  . TYR A 1 37 ? -3.708  0.796   6.555   1.00 20.08  ? 37 TYR A CB  1 
ATOM   238 C CG  . TYR A 1 37 ? -2.364  1.262   6.065   1.00 20.08  ? 37 TYR A CG  1 
ATOM   239 C CD1 . TYR A 1 37 ? -1.449  1.839   6.935   1.00 20.08  ? 37 TYR A CD1 1 
ATOM   240 C CD2 . TYR A 1 37 ? -2.021  1.162   4.720   1.00 20.08  ? 37 TYR A CD2 1 
ATOM   241 C CE1 . TYR A 1 37 ? -0.225  2.308   6.480   1.00 20.08  ? 37 TYR A CE1 1 
ATOM   242 C CE2 . TYR A 1 37 ? -0.798  1.626   4.250   1.00 20.08  ? 37 TYR A CE2 1 
ATOM   243 C CZ  . TYR A 1 37 ? 0.094   2.198   5.135   1.00 20.08  ? 37 TYR A CZ  1 
ATOM   244 O OH  . TYR A 1 37 ? 1.303   2.671   4.678   1.00 20.08  ? 37 TYR A OH  1 
ATOM   245 N N   . ILE A 1 38 ? -6.765  1.379   5.233   1.00 2.00   ? 38 ILE A N   1 
ATOM   246 C CA  . ILE A 1 38 ? -8.112  0.925   4.953   1.00 2.00   ? 38 ILE A CA  1 
ATOM   247 C C   . ILE A 1 38 ? -8.002  -0.295  4.025   1.00 2.00   ? 38 ILE A C   1 
ATOM   248 O O   . ILE A 1 38 ? -6.953  -0.522  3.433   1.00 7.33   ? 38 ILE A O   1 
ATOM   249 C CB  . ILE A 1 38 ? -8.889  2.126   4.296   1.00 7.33   ? 38 ILE A CB  1 
ATOM   250 C CG1 . ILE A 1 38 ? -9.734  2.834   5.347   1.00 7.33   ? 38 ILE A CG1 1 
ATOM   251 C CG2 . ILE A 1 38 ? -9.752  1.681   3.145   1.00 7.33   ? 38 ILE A CG2 1 
ATOM   252 C CD1 . ILE A 1 38 ? -9.440  2.403   6.775   1.00 7.33   ? 38 ILE A CD1 1 
ATOM   253 N N   . GLY A 1 39 ? -9.061  -1.093  3.918   1.00 2.00   ? 39 GLY A N   1 
ATOM   254 C CA  . GLY A 1 39 ? -9.011  -2.253  3.041   1.00 2.00   ? 39 GLY A CA  1 
ATOM   255 C C   . GLY A 1 39 ? -9.092  -3.618  3.714   1.00 2.00   ? 39 GLY A C   1 
ATOM   256 O O   . GLY A 1 39 ? -8.748  -3.771  4.882   1.00 2.01   ? 39 GLY A O   1 
ATOM   257 N N   . GLU A 1 40 ? -9.545  -4.620  2.964   1.00 8.49   ? 40 GLU A N   1 
ATOM   258 C CA  . GLU A 1 40 ? -9.674  -5.979  3.480   1.00 8.49   ? 40 GLU A CA  1 
ATOM   259 C C   . GLU A 1 40 ? -8.338  -6.485  4.016   1.00 8.49   ? 40 GLU A C   1 
ATOM   260 O O   . GLU A 1 40 ? -8.285  -7.105  5.080   1.00 64.75  ? 40 GLU A O   1 
ATOM   261 C CB  . GLU A 1 40 ? -10.181 -6.915  2.377   1.00 64.75  ? 40 GLU A CB  1 
ATOM   262 C CG  . GLU A 1 40 ? -10.693 -8.257  2.879   1.00 64.75  ? 40 GLU A CG  1 
ATOM   263 C CD  . GLU A 1 40 ? -11.077 -9.203  1.750   1.00 64.75  ? 40 GLU A CD  1 
ATOM   264 O OE1 . GLU A 1 40 ? -11.141 -10.430 1.985   1.00 64.75  ? 40 GLU A OE1 1 
ATOM   265 O OE2 . GLU A 1 40 ? -11.317 -8.721  0.624   1.00 64.75  ? 40 GLU A OE2 1 
ATOM   266 N N   . ARG A 1 41 ? -7.264  -6.206  3.278   1.00 2.15   ? 41 ARG A N   1 
ATOM   267 C CA  . ARG A 1 41 ? -5.933  -6.644  3.669   1.00 2.15   ? 41 ARG A CA  1 
ATOM   268 C C   . ARG A 1 41 ? -4.985  -5.477  3.883   1.00 2.15   ? 41 ARG A C   1 
ATOM   269 O O   . ARG A 1 41 ? -3.764  -5.631  3.800   1.00 2.00   ? 41 ARG A O   1 
ATOM   270 C CB  . ARG A 1 41 ? -5.369  -7.595  2.617   1.00 2.00   ? 41 ARG A CB  1 
ATOM   271 C CG  . ARG A 1 41 ? -6.383  -8.610  2.112   1.00 2.00   ? 41 ARG A CG  1 
ATOM   272 C CD  . ARG A 1 41 ? -5.754  -9.581  1.140   1.00 2.00   ? 41 ARG A CD  1 
ATOM   273 N NE  . ARG A 1 41 ? -4.323  -9.683  1.367   1.00 2.00   ? 41 ARG A NE  1 
ATOM   274 C CZ  . ARG A 1 41 ? -3.482  -10.272 0.529   1.00 2.00   ? 41 ARG A CZ  1 
ATOM   275 N NH1 . ARG A 1 41 ? -3.943  -10.813 -0.592  1.00 2.00   ? 41 ARG A NH1 1 
ATOM   276 N NH2 . ARG A 1 41 ? -2.182  -10.319 0.805   1.00 2.00   ? 41 ARG A NH2 1 
ATOM   277 N N   . CYS A 1 42 ? -5.566  -4.314  4.165   1.00 3.90   ? 42 CYS A N   1 
ATOM   278 C CA  . CYS A 1 42 ? -4.815  -3.080  4.422   1.00 3.90   ? 42 CYS A CA  1 
ATOM   279 C C   . CYS A 1 42 ? -4.077  -2.478  3.235   1.00 3.90   ? 42 CYS A C   1 
ATOM   280 O O   . CYS A 1 42 ? -3.092  -1.780  3.439   1.00 11.78  ? 42 CYS A O   1 
ATOM   281 C CB  . CYS A 1 42 ? -3.794  -3.309  5.534   1.00 11.78  ? 42 CYS A CB  1 
ATOM   282 S SG  . CYS A 1 42 ? -4.436  -4.212  6.963   1.00 11.78  ? 42 CYS A SG  1 
ATOM   283 N N   . GLN A 1 43 ? -4.541  -2.724  2.014   1.00 6.92   ? 43 GLN A N   1 
ATOM   284 C CA  . GLN A 1 43 ? -3.872  -2.196  0.830   1.00 6.92   ? 43 GLN A CA  1 
ATOM   285 C C   . GLN A 1 43 ? -3.877  -0.668  0.662   1.00 6.92   ? 43 GLN A C   1 
ATOM   286 O O   . GLN A 1 43 ? -2.878  -0.090  0.227   1.00 16.94  ? 43 GLN A O   1 
ATOM   287 C CB  . GLN A 1 43 ? -4.470  -2.826  -0.422  1.00 16.94  ? 43 GLN A CB  1 
ATOM   288 C CG  . GLN A 1 43 ? -5.005  -4.210  -0.207  1.00 16.94  ? 43 GLN A CG  1 
ATOM   289 C CD  . GLN A 1 43 ? -6.501  -4.212  -0.068  1.00 16.94  ? 43 GLN A CD  1 
ATOM   290 O OE1 . GLN A 1 43 ? -7.062  -3.403  0.663   1.00 16.94  ? 43 GLN A OE1 1 
ATOM   291 N NE2 . GLN A 1 43 ? -7.163  -5.117  -0.769  1.00 16.94  ? 43 GLN A NE2 1 
ATOM   292 N N   . TYR A 1 44 ? -4.982  -0.023  1.023   1.00 9.53   ? 44 TYR A N   1 
ATOM   293 C CA  . TYR A 1 44 ? -5.131  1.423   0.880   1.00 9.53   ? 44 TYR A CA  1 
ATOM   294 C C   . TYR A 1 44 ? -4.713  2.305   2.044   1.00 9.53   ? 44 TYR A C   1 
ATOM   295 O O   . TYR A 1 44 ? -5.113  2.087   3.176   1.00 11.57  ? 44 TYR A O   1 
ATOM   296 C CB  . TYR A 1 44 ? -6.579  1.759   0.566   1.00 11.57  ? 44 TYR A CB  1 
ATOM   297 C CG  . TYR A 1 44 ? -7.236  0.761   -0.337  1.00 11.57  ? 44 TYR A CG  1 
ATOM   298 C CD1 . TYR A 1 44 ? -6.527  0.163   -1.382  1.00 11.57  ? 44 TYR A CD1 1 
ATOM   299 C CD2 . TYR A 1 44 ? -8.576  0.423   -0.171  1.00 11.57  ? 44 TYR A CD2 1 
ATOM   300 C CE1 . TYR A 1 44 ? -7.141  -0.743  -2.238  1.00 11.57  ? 44 TYR A CE1 1 
ATOM   301 C CE2 . TYR A 1 44 ? -9.199  -0.483  -1.021  1.00 11.57  ? 44 TYR A CE2 1 
ATOM   302 C CZ  . TYR A 1 44 ? -8.478  -1.059  -2.049  1.00 11.57  ? 44 TYR A CZ  1 
ATOM   303 O OH  . TYR A 1 44 ? -9.087  -1.951  -2.895  1.00 11.57  ? 44 TYR A OH  1 
ATOM   304 N N   . ARG A 1 45 ? -3.929  3.337   1.742   1.00 14.33  ? 45 ARG A N   1 
ATOM   305 C CA  . ARG A 1 45 ? -3.502  4.298   2.747   1.00 14.33  ? 45 ARG A CA  1 
ATOM   306 C C   . ARG A 1 45 ? -4.490  5.460   2.679   1.00 14.33  ? 45 ARG A C   1 
ATOM   307 O O   . ARG A 1 45 ? -4.672  6.075   1.629   1.00 58.98  ? 45 ARG A O   1 
ATOM   308 C CB  . ARG A 1 45 ? -2.096  4.801   2.442   1.00 58.98  ? 45 ARG A CB  1 
ATOM   309 C CG  . ARG A 1 45 ? -1.719  6.076   3.170   1.00 58.98  ? 45 ARG A CG  1 
ATOM   310 C CD  . ARG A 1 45 ? -1.122  5.766   4.525   1.00 58.98  ? 45 ARG A CD  1 
ATOM   311 N NE  . ARG A 1 45 ? -1.710  6.584   5.579   1.00 58.98  ? 45 ARG A NE  1 
ATOM   312 C CZ  . ARG A 1 45 ? -1.073  7.568   6.210   1.00 58.98  ? 45 ARG A CZ  1 
ATOM   313 N NH1 . ARG A 1 45 ? 0.185   7.860   5.895   1.00 58.98  ? 45 ARG A NH1 1 
ATOM   314 N NH2 . ARG A 1 45 ? -1.691  8.256   7.163   1.00 58.98  ? 45 ARG A NH2 1 
ATOM   315 N N   . ASP A 1 46 ? -5.135  5.767   3.795   1.00 22.71  ? 46 ASP A N   1 
ATOM   316 C CA  . ASP A 1 46 ? -6.104  6.863   3.815   1.00 22.71  ? 46 ASP A CA  1 
ATOM   317 C C   . ASP A 1 46 ? -5.505  8.189   4.280   1.00 22.71  ? 46 ASP A C   1 
ATOM   318 O O   . ASP A 1 46 ? -5.304  8.406   5.472   1.00 53.87  ? 46 ASP A O   1 
ATOM   319 C CB  . ASP A 1 46 ? -7.286  6.507   4.715   1.00 53.87  ? 46 ASP A CB  1 
ATOM   320 C CG  . ASP A 1 46 ? -8.472  7.432   4.506   1.00 53.87  ? 46 ASP A CG  1 
ATOM   321 O OD1 . ASP A 1 46 ? -9.210  7.708   5.477   1.00 53.87  ? 46 ASP A OD1 1 
ATOM   322 O OD2 . ASP A 1 46 ? -8.668  7.886   3.361   1.00 53.87  ? 46 ASP A OD2 1 
ATOM   323 N N   . LEU A 1 47 ? -5.204  9.063   3.324   1.00 53.86  ? 47 LEU A N   1 
ATOM   324 C CA  . LEU A 1 47 ? -4.647  10.376  3.637   1.00 53.86  ? 47 LEU A CA  1 
ATOM   325 C C   . LEU A 1 47 ? -5.830  11.328  3.829   1.00 53.86  ? 47 LEU A C   1 
ATOM   326 O O   . LEU A 1 47 ? -6.756  11.252  2.997   1.00 19.76  ? 47 LEU A O   1 
ATOM   327 C CB  . LEU A 1 47 ? -3.771  10.875  2.487   1.00 19.76  ? 47 LEU A CB  1 
ATOM   328 C CG  . LEU A 1 47 ? -2.683  9.922   1.993   1.00 19.76  ? 47 LEU A CG  1 
ATOM   329 C CD1 . LEU A 1 47 ? -2.337  10.210  0.557   1.00 19.76  ? 47 LEU A CD1 1 
ATOM   330 C CD2 . LEU A 1 47 ? -1.467  10.088  2.869   1.00 19.76  ? 47 LEU A CD2 1 
ATOM   331 N N   . CYS B 1 6  ? 4.392   16.667  -8.901  1.00 36.81  ? 6  CYS B N   1 
ATOM   332 C CA  . CYS B 1 6  ? 4.806   16.198  -7.547  1.00 36.81  ? 6  CYS B CA  1 
ATOM   333 C C   . CYS B 1 6  ? 5.844   17.095  -6.881  1.00 36.81  ? 6  CYS B C   1 
ATOM   334 O O   . CYS B 1 6  ? 6.977   17.204  -7.349  1.00 52.52  ? 6  CYS B O   1 
ATOM   335 C CB  . CYS B 1 6  ? 5.344   14.755  -7.606  1.00 52.52  ? 6  CYS B CB  1 
ATOM   336 S SG  . CYS B 1 6  ? 6.818   14.431  -8.637  1.00 52.52  ? 6  CYS B SG  1 
ATOM   337 N N   . PRO B 1 7  ? 5.453   17.785  -5.801  1.00 39.01  ? 7  PRO B N   1 
ATOM   338 C CA  . PRO B 1 7  ? 6.305   18.686  -5.017  1.00 39.01  ? 7  PRO B CA  1 
ATOM   339 C C   . PRO B 1 7  ? 7.738   18.174  -4.808  1.00 39.01  ? 7  PRO B C   1 
ATOM   340 O O   . PRO B 1 7  ? 7.984   17.279  -3.989  1.00 43.03  ? 7  PRO B O   1 
ATOM   341 C CB  . PRO B 1 7  ? 5.554   18.825  -3.703  1.00 43.03  ? 7  PRO B CB  1 
ATOM   342 C CG  . PRO B 1 7  ? 4.116   18.683  -4.098  1.00 43.03  ? 7  PRO B CG  1 
ATOM   343 C CD  . PRO B 1 7  ? 4.065   17.772  -5.294  1.00 43.03  ? 7  PRO B CD  1 
ATOM   344 N N   . LEU B 1 8  ? 8.670   18.769  -5.544  1.00 86.89  ? 8  LEU B N   1 
ATOM   345 C CA  . LEU B 1 8  ? 10.083  18.409  -5.488  1.00 86.89  ? 8  LEU B CA  1 
ATOM   346 C C   . LEU B 1 8  ? 10.760  18.825  -4.183  1.00 86.89  ? 8  LEU B C   1 
ATOM   347 O O   . LEU B 1 8  ? 11.942  18.543  -3.977  1.00 69.29  ? 8  LEU B O   1 
ATOM   348 C CB  . LEU B 1 8  ? 10.822  19.058  -6.662  1.00 69.29  ? 8  LEU B CB  1 
ATOM   349 C CG  . LEU B 1 8  ? 11.735  18.178  -7.514  1.00 69.29  ? 8  LEU B CG  1 
ATOM   350 C CD1 . LEU B 1 8  ? 12.676  17.384  -6.622  1.00 69.29  ? 8  LEU B CD1 1 
ATOM   351 C CD2 . LEU B 1 8  ? 10.887  17.254  -8.366  1.00 69.29  ? 8  LEU B CD2 1 
ATOM   352 N N   . SER B 1 9  ? 10.014  19.495  -3.308  1.00 100.00 ? 9  SER B N   1 
ATOM   353 C CA  . SER B 1 9  ? 10.556  19.959  -2.032  1.00 100.00 ? 9  SER B CA  1 
ATOM   354 C C   . SER B 1 9  ? 9.856   19.333  -0.831  1.00 100.00 ? 9  SER B C   1 
ATOM   355 O O   . SER B 1 9  ? 10.417  19.281  0.265   1.00 100.00 ? 9  SER B O   1 
ATOM   356 C CB  . SER B 1 9  ? 10.447  21.485  -1.938  1.00 100.00 ? 9  SER B CB  1 
ATOM   357 O OG  . SER B 1 9  ? 9.672   21.878  -0.817  1.00 100.00 ? 9  SER B OG  1 
ATOM   358 N N   . HIS B 1 10 ? 8.630   18.867  -1.046  1.00 93.98  ? 10 HIS B N   1 
ATOM   359 C CA  . HIS B 1 10 ? 7.839   18.255  0.013   1.00 93.98  ? 10 HIS B CA  1 
ATOM   360 C C   . HIS B 1 10 ? 8.650   17.248  0.824   1.00 93.98  ? 10 HIS B C   1 
ATOM   361 O O   . HIS B 1 10 ? 8.560   17.216  2.053   1.00 100.00 ? 10 HIS B O   1 
ATOM   362 C CB  . HIS B 1 10 ? 6.614   17.566  -0.587  1.00 100.00 ? 10 HIS B CB  1 
ATOM   363 C CG  . HIS B 1 10 ? 5.548   17.248  0.415   1.00 100.00 ? 10 HIS B CG  1 
ATOM   364 N ND1 . HIS B 1 10 ? 4.275   17.768  0.335   1.00 100.00 ? 10 HIS B ND1 1 
ATOM   365 C CD2 . HIS B 1 10 ? 5.566   16.459  1.514   1.00 100.00 ? 10 HIS B CD2 1 
ATOM   366 C CE1 . HIS B 1 10 ? 3.552   17.312  1.344   1.00 100.00 ? 10 HIS B CE1 1 
ATOM   367 N NE2 . HIS B 1 10 ? 4.313   16.516  2.075   1.00 100.00 ? 10 HIS B NE2 1 
ATOM   368 N N   . ASP B 1 11 ? 9.442   16.435  0.127   1.00 99.91  ? 11 ASP B N   1 
ATOM   369 C CA  . ASP B 1 11 ? 10.273  15.416  0.768   1.00 99.91  ? 11 ASP B CA  1 
ATOM   370 C C   . ASP B 1 11 ? 9.405   14.465  1.586   1.00 99.91  ? 11 ASP B C   1 
ATOM   371 O O   . ASP B 1 11 ? 9.281   14.611  2.803   1.00 100.00 ? 11 ASP B O   1 
ATOM   372 C CB  . ASP B 1 11 ? 11.324  16.077  1.667   1.00 100.00 ? 11 ASP B CB  1 
ATOM   373 C CG  . ASP B 1 11 ? 12.455  16.719  0.876   1.00 100.00 ? 11 ASP B CG  1 
ATOM   374 O OD1 . ASP B 1 11 ? 13.588  16.781  1.403   1.00 100.00 ? 11 ASP B OD1 1 
ATOM   375 O OD2 . ASP B 1 11 ? 12.212  17.159  -0.270  1.00 100.00 ? 11 ASP B OD2 1 
ATOM   376 N N   . GLY B 1 12 ? 8.815   13.488  0.903   1.00 49.03  ? 12 GLY B N   1 
ATOM   377 C CA  . GLY B 1 12 ? 7.941   12.524  1.550   1.00 49.03  ? 12 GLY B CA  1 
ATOM   378 C C   . GLY B 1 12 ? 6.528   12.678  1.011   1.00 49.03  ? 12 GLY B C   1 
ATOM   379 O O   . GLY B 1 12 ? 5.543   12.302  1.649   1.00 70.32  ? 12 GLY B O   1 
ATOM   380 N N   . TYR B 1 13 ? 6.440   13.251  -0.184  1.00 46.29  ? 13 TYR B N   1 
ATOM   381 C CA  . TYR B 1 13 ? 5.173   13.481  -0.852  1.00 46.29  ? 13 TYR B CA  1 
ATOM   382 C C   . TYR B 1 13 ? 4.660   12.162  -1.411  1.00 46.29  ? 13 TYR B C   1 
ATOM   383 O O   . TYR B 1 13 ? 3.509   11.799  -1.189  1.00 27.82  ? 13 TYR B O   1 
ATOM   384 C CB  . TYR B 1 13 ? 5.372   14.495  -1.970  1.00 27.82  ? 13 TYR B CB  1 
ATOM   385 C CG  . TYR B 1 13 ? 4.132   14.778  -2.756  1.00 27.82  ? 13 TYR B CG  1 
ATOM   386 C CD1 . TYR B 1 13 ? 3.929   14.187  -3.995  1.00 27.82  ? 13 TYR B CD1 1 
ATOM   387 C CD2 . TYR B 1 13 ? 3.159   15.641  -2.270  1.00 27.82  ? 13 TYR B CD2 1 
ATOM   388 C CE1 . TYR B 1 13 ? 2.790   14.445  -4.733  1.00 27.82  ? 13 TYR B CE1 1 
ATOM   389 C CE2 . TYR B 1 13 ? 2.014   15.906  -3.001  1.00 27.82  ? 13 TYR B CE2 1 
ATOM   390 C CZ  . TYR B 1 13 ? 1.837   15.303  -4.231  1.00 27.82  ? 13 TYR B CZ  1 
ATOM   391 O OH  . TYR B 1 13 ? 0.704   15.551  -4.962  1.00 27.82  ? 13 TYR B OH  1 
ATOM   392 N N   . CYS B 1 14 ? 5.511   11.453  -2.150  1.00 18.25  ? 14 CYS B N   1 
ATOM   393 C CA  . CYS B 1 14 ? 5.133   10.150  -2.693  1.00 18.25  ? 14 CYS B CA  1 
ATOM   394 C C   . CYS B 1 14 ? 5.257   9.227   -1.492  1.00 18.25  ? 14 CYS B C   1 
ATOM   395 O O   . CYS B 1 14 ? 6.222   9.323   -0.738  1.00 24.51  ? 14 CYS B O   1 
ATOM   396 C CB  . CYS B 1 14 ? 6.110   9.673   -3.775  1.00 24.51  ? 14 CYS B CB  1 
ATOM   397 S SG  . CYS B 1 14 ? 6.359   10.761  -5.211  1.00 24.51  ? 14 CYS B SG  1 
ATOM   398 N N   . LEU B 1 15 ? 4.296   8.336   -1.305  1.00 27.05  ? 15 LEU B N   1 
ATOM   399 C CA  . LEU B 1 15 ? 4.352   7.443   -0.167  1.00 27.05  ? 15 LEU B CA  1 
ATOM   400 C C   . LEU B 1 15 ? 5.091   6.160   -0.534  1.00 27.05  ? 15 LEU B C   1 
ATOM   401 O O   . LEU B 1 15 ? 5.677   6.054   -1.617  1.00 16.19  ? 15 LEU B O   1 
ATOM   402 C CB  . LEU B 1 15 ? 2.930   7.105   0.303   1.00 16.19  ? 15 LEU B CB  1 
ATOM   403 C CG  . LEU B 1 15 ? 2.018   8.138   0.977   1.00 16.19  ? 15 LEU B CG  1 
ATOM   404 C CD1 . LEU B 1 15 ? 2.506   9.548   0.752   1.00 16.19  ? 15 LEU B CD1 1 
ATOM   405 C CD2 . LEU B 1 15 ? 0.626   7.983   0.410   1.00 16.19  ? 15 LEU B CD2 1 
ATOM   406 N N   . HIS B 1 16 ? 5.066   5.209   0.401   1.00 9.51   ? 16 HIS B N   1 
ATOM   407 C CA  . HIS B 1 16 ? 5.662   3.888   0.250   1.00 9.51   ? 16 HIS B CA  1 
ATOM   408 C C   . HIS B 1 16 ? 6.905   3.844   -0.609  1.00 9.51   ? 16 HIS B C   1 
ATOM   409 O O   . HIS B 1 16 ? 6.858   3.352   -1.738  1.00 11.88  ? 16 HIS B O   1 
ATOM   410 C CB  . HIS B 1 16 ? 4.622   2.917   -0.320  1.00 11.88  ? 16 HIS B CB  1 
ATOM   411 C CG  . HIS B 1 16 ? 3.352   2.878   0.463   1.00 11.88  ? 16 HIS B CG  1 
ATOM   412 N ND1 . HIS B 1 16 ? 2.151   3.323   -0.042  1.00 11.88  ? 16 HIS B ND1 1 
ATOM   413 C CD2 . HIS B 1 16 ? 3.105   2.480   1.731   1.00 11.88  ? 16 HIS B CD2 1 
ATOM   414 C CE1 . HIS B 1 16 ? 1.219   3.205   0.885   1.00 11.88  ? 16 HIS B CE1 1 
ATOM   415 N NE2 . HIS B 1 16 ? 1.772   2.697   1.969   1.00 11.88  ? 16 HIS B NE2 1 
ATOM   416 N N   . ASP B 1 17 ? 8.006   4.358   -0.057  1.00 41.38  ? 17 ASP B N   1 
ATOM   417 C CA  . ASP B 1 17 ? 9.315   4.400   -0.711  1.00 41.38  ? 17 ASP B CA  1 
ATOM   418 C C   . ASP B 1 17 ? 9.320   4.760   -2.190  1.00 41.38  ? 17 ASP B C   1 
ATOM   419 O O   . ASP B 1 17 ? 10.062  4.169   -2.972  1.00 34.62  ? 17 ASP B O   1 
ATOM   420 C CB  . ASP B 1 17 ? 10.022  3.063   -0.520  1.00 34.62  ? 17 ASP B CB  1 
ATOM   421 C CG  . ASP B 1 17 ? 10.057  2.636   0.922   1.00 34.62  ? 17 ASP B CG  1 
ATOM   422 O OD1 . ASP B 1 17 ? 10.205  1.422   1.171   1.00 34.62  ? 17 ASP B OD1 1 
ATOM   423 O OD2 . ASP B 1 17 ? 9.937   3.512   1.806   1.00 34.62  ? 17 ASP B OD2 1 
ATOM   424 N N   . GLY B 1 18 ? 8.501   5.734   -2.567  1.00 34.77  ? 18 GLY B N   1 
ATOM   425 C CA  . GLY B 1 18 ? 8.446   6.150   -3.955  1.00 34.77  ? 18 GLY B CA  1 
ATOM   426 C C   . GLY B 1 18 ? 9.295   7.386   -4.098  1.00 34.77  ? 18 GLY B C   1 
ATOM   427 O O   . GLY B 1 18 ? 9.733   7.942   -3.094  1.00 76.49  ? 18 GLY B O   1 
ATOM   428 N N   . VAL B 1 19 ? 9.539   7.828   -5.322  1.00 23.58  ? 19 VAL B N   1 
ATOM   429 C CA  . VAL B 1 19 ? 10.362  9.014   -5.505  1.00 23.58  ? 19 VAL B CA  1 
ATOM   430 C C   . VAL B 1 19 ? 9.844   9.928   -6.602  1.00 23.58  ? 19 VAL B C   1 
ATOM   431 O O   . VAL B 1 19 ? 9.615   9.495   -7.726  1.00 11.32  ? 19 VAL B O   1 
ATOM   432 C CB  . VAL B 1 19 ? 11.839  8.628   -5.798  1.00 11.32  ? 19 VAL B CB  1 
ATOM   433 C CG1 . VAL B 1 19 ? 11.944  7.821   -7.081  1.00 11.32  ? 19 VAL B CG1 1 
ATOM   434 C CG2 . VAL B 1 19 ? 12.678  9.874   -5.877  1.00 11.32  ? 19 VAL B CG2 1 
ATOM   435 N N   . CYS B 1 20 ? 9.647   11.197  -6.252  1.00 17.07  ? 20 CYS B N   1 
ATOM   436 C CA  . CYS B 1 20 ? 9.153   12.203  -7.186  1.00 17.07  ? 20 CYS B CA  1 
ATOM   437 C C   . CYS B 1 20 ? 10.256  12.596  -8.166  1.00 17.07  ? 20 CYS B C   1 
ATOM   438 O O   . CYS B 1 20 ? 11.366  12.943  -7.767  1.00 30.71  ? 20 CYS B O   1 
ATOM   439 C CB  . CYS B 1 20 ? 8.660   13.429  -6.417  1.00 30.71  ? 20 CYS B CB  1 
ATOM   440 S SG  . CYS B 1 20 ? 8.405   14.900  -7.451  1.00 30.71  ? 20 CYS B SG  1 
ATOM   441 N N   . MET B 1 21 ? 9.935   12.537  -9.453  1.00 15.43  ? 21 MET B N   1 
ATOM   442 C CA  . MET B 1 21 ? 10.903  12.838  -10.498 1.00 15.43  ? 21 MET B CA  1 
ATOM   443 C C   . MET B 1 21 ? 10.202  13.115  -11.825 1.00 15.43  ? 21 MET B C   1 
ATOM   444 O O   . MET B 1 21 ? 8.974   13.144  -11.879 1.00 3.14   ? 21 MET B O   1 
ATOM   445 C CB  . MET B 1 21 ? 11.837  11.643  -10.665 1.00 3.14   ? 21 MET B CB  1 
ATOM   446 C CG  . MET B 1 21 ? 11.181  10.444  -11.331 1.00 3.14   ? 21 MET B CG  1 
ATOM   447 S SD  . MET B 1 21 ? 12.292  9.028   -11.423 1.00 3.14   ? 21 MET B SD  1 
ATOM   448 C CE  . MET B 1 21 ? 12.031  8.463   -13.029 1.00 3.14   ? 21 MET B CE  1 
ATOM   449 N N   . TYR B 1 22 ? 10.976  13.312  -12.894 1.00 12.00  ? 22 TYR B N   1 
ATOM   450 C CA  . TYR B 1 22 ? 10.393  13.554  -14.213 1.00 12.00  ? 22 TYR B CA  1 
ATOM   451 C C   . TYR B 1 22 ? 10.313  12.244  -15.001 1.00 12.00  ? 22 TYR B C   1 
ATOM   452 O O   . TYR B 1 22 ? 11.329  11.711  -15.452 1.00 30.84  ? 22 TYR B O   1 
ATOM   453 C CB  . TYR B 1 22 ? 11.217  14.581  -15.008 1.00 30.84  ? 22 TYR B CB  1 
ATOM   454 C CG  . TYR B 1 22 ? 10.644  14.888  -16.390 1.00 30.84  ? 22 TYR B CG  1 
ATOM   455 C CD1 . TYR B 1 22 ? 9.806   15.988  -16.596 1.00 30.84  ? 22 TYR B CD1 1 
ATOM   456 C CD2 . TYR B 1 22 ? 10.910  14.053  -17.480 1.00 30.84  ? 22 TYR B CD2 1 
ATOM   457 C CE1 . TYR B 1 22 ? 9.244   16.244  -17.854 1.00 30.84  ? 22 TYR B CE1 1 
ATOM   458 C CE2 . TYR B 1 22 ? 10.356  14.300  -18.737 1.00 30.84  ? 22 TYR B CE2 1 
ATOM   459 C CZ  . TYR B 1 22 ? 9.525   15.394  -18.915 1.00 30.84  ? 22 TYR B CZ  1 
ATOM   460 O OH  . TYR B 1 22 ? 8.979   15.637  -20.156 1.00 30.84  ? 22 TYR B OH  1 
ATOM   461 N N   . ILE B 1 23 ? 9.097   11.731  -15.158 1.00 24.71  ? 23 ILE B N   1 
ATOM   462 C CA  . ILE B 1 23 ? 8.892   10.485  -15.887 1.00 24.71  ? 23 ILE B CA  1 
ATOM   463 C C   . ILE B 1 23 ? 8.643   10.824  -17.349 1.00 24.71  ? 23 ILE B C   1 
ATOM   464 O O   . ILE B 1 23 ? 7.543   11.226  -17.731 1.00 27.13  ? 23 ILE B O   1 
ATOM   465 C CB  . ILE B 1 23 ? 7.687   9.674   -15.315 1.00 27.13  ? 23 ILE B CB  1 
ATOM   466 C CG1 . ILE B 1 23 ? 7.852   9.483   -13.807 1.00 27.13  ? 23 ILE B CG1 1 
ATOM   467 C CG2 . ILE B 1 23 ? 7.618   8.299   -15.958 1.00 27.13  ? 23 ILE B CG2 1 
ATOM   468 C CD1 . ILE B 1 23 ? 6.586   9.731   -13.020 1.00 27.13  ? 23 ILE B CD1 1 
ATOM   469 N N   . GLU B 1 24 ? 9.688   10.667  -18.156 1.00 57.11  ? 24 GLU B N   1 
ATOM   470 C CA  . GLU B 1 24 ? 9.625   10.960  -19.581 1.00 57.11  ? 24 GLU B CA  1 
ATOM   471 C C   . GLU B 1 24 ? 8.470   10.261  -20.285 1.00 57.11  ? 24 GLU B C   1 
ATOM   472 O O   . GLU B 1 24 ? 7.728   10.889  -21.039 1.00 100.00 ? 24 GLU B O   1 
ATOM   473 C CB  . GLU B 1 24 ? 10.940  10.568  -20.255 1.00 100.00 ? 24 GLU B CB  1 
ATOM   474 C CG  . GLU B 1 24 ? 11.351  11.499  -21.384 1.00 100.00 ? 24 GLU B CG  1 
ATOM   475 C CD  . GLU B 1 24 ? 10.484  11.339  -22.619 1.00 100.00 ? 24 GLU B CD  1 
ATOM   476 O OE1 . GLU B 1 24 ? 10.095  10.190  -22.929 1.00 100.00 ? 24 GLU B OE1 1 
ATOM   477 O OE2 . GLU B 1 24 ? 10.192  12.363  -23.276 1.00 100.00 ? 24 GLU B OE2 1 
ATOM   478 N N   . ALA B 1 25 ? 8.326   8.962   -20.049 1.00 56.89  ? 25 ALA B N   1 
ATOM   479 C CA  . ALA B 1 25 ? 7.253   8.195   -20.672 1.00 56.89  ? 25 ALA B CA  1 
ATOM   480 C C   . ALA B 1 25 ? 5.919   8.885   -20.410 1.00 56.89  ? 25 ALA B C   1 
ATOM   481 O O   . ALA B 1 25 ? 4.968   8.737   -21.178 1.00 90.77  ? 25 ALA B O   1 
ATOM   482 C CB  . ALA B 1 25 ? 7.234   6.776   -20.119 1.00 90.77  ? 25 ALA B CB  1 
ATOM   483 N N   . LEU B 1 26 ? 5.863   9.643   -19.321 1.00 39.64  ? 26 LEU B N   1 
ATOM   484 C CA  . LEU B 1 26 ? 4.658   10.373  -18.944 1.00 39.64  ? 26 LEU B CA  1 
ATOM   485 C C   . LEU B 1 26 ? 4.877   11.857  -19.193 1.00 39.64  ? 26 LEU B C   1 
ATOM   486 O O   . LEU B 1 26 ? 3.992   12.673  -18.935 1.00 39.05  ? 26 LEU B O   1 
ATOM   487 C CB  . LEU B 1 26 ? 4.335   10.149  -17.465 1.00 39.05  ? 26 LEU B CB  1 
ATOM   488 C CG  . LEU B 1 26 ? 3.089   9.325   -17.145 1.00 39.05  ? 26 LEU B CG  1 
ATOM   489 C CD1 . LEU B 1 26 ? 3.469   7.859   -16.981 1.00 39.05  ? 26 LEU B CD1 1 
ATOM   490 C CD2 . LEU B 1 26 ? 2.447   9.872   -15.881 1.00 39.05  ? 26 LEU B CD2 1 
ATOM   491 N N   . ASP B 1 27 ? 6.066   12.190  -19.688 1.00 33.28  ? 27 ASP B N   1 
ATOM   492 C CA  . ASP B 1 27 ? 6.434   13.569  -19.986 1.00 33.28  ? 27 ASP B CA  1 
ATOM   493 C C   . ASP B 1 27 ? 5.907   14.516  -18.916 1.00 33.28  ? 27 ASP B C   1 
ATOM   494 O O   . ASP B 1 27 ? 5.363   15.579  -19.219 1.00 72.56  ? 27 ASP B O   1 
ATOM   495 C CB  . ASP B 1 27 ? 5.891   13.972  -21.359 1.00 72.56  ? 27 ASP B CB  1 
ATOM   496 C CG  . ASP B 1 27 ? 6.909   13.770  -22.472 1.00 72.56  ? 27 ASP B CG  1 
ATOM   497 O OD1 . ASP B 1 27 ? 6.626   12.984  -23.403 1.00 72.56  ? 27 ASP B OD1 1 
ATOM   498 O OD2 . ASP B 1 27 ? 7.990   14.398  -22.416 1.00 72.56  ? 27 ASP B OD2 1 
ATOM   499 N N   . LYS B 1 28 ? 6.072   14.117  -17.659 1.00 40.23  ? 28 LYS B N   1 
ATOM   500 C CA  . LYS B 1 28 ? 5.611   14.928  -16.541 1.00 40.23  ? 28 LYS B CA  1 
ATOM   501 C C   . LYS B 1 28 ? 6.448   14.698  -15.300 1.00 40.23  ? 28 LYS B C   1 
ATOM   502 O O   . LYS B 1 28 ? 7.316   13.826  -15.264 1.00 88.13  ? 28 LYS B O   1 
ATOM   503 C CB  . LYS B 1 28 ? 4.156   14.595  -16.207 1.00 88.13  ? 28 LYS B CB  1 
ATOM   504 C CG  . LYS B 1 28 ? 3.145   15.059  -17.233 1.00 88.13  ? 28 LYS B CG  1 
ATOM   505 C CD  . LYS B 1 28 ? 1.723   14.859  -16.724 1.00 88.13  ? 28 LYS B CD  1 
ATOM   506 C CE  . LYS B 1 28 ? 1.372   13.381  -16.593 1.00 88.13  ? 28 LYS B CE  1 
ATOM   507 N NZ  . LYS B 1 28 ? 0.024   13.178  -15.983 1.00 88.13  ? 28 LYS B NZ  1 
ATOM   508 N N   . TYR B 1 29 ? 6.174   15.505  -14.283 1.00 28.63  ? 29 TYR B N   1 
ATOM   509 C CA  . TYR B 1 29 ? 6.857   15.397  -13.002 1.00 28.63  ? 29 TYR B CA  1 
ATOM   510 C C   . TYR B 1 29 ? 5.861   14.704  -12.082 1.00 28.63  ? 29 TYR B C   1 
ATOM   511 O O   . TYR B 1 29 ? 4.980   15.338  -11.499 1.00 71.80  ? 29 TYR B O   1 
ATOM   512 C CB  . TYR B 1 29 ? 7.209   16.783  -12.454 1.00 71.80  ? 29 TYR B CB  1 
ATOM   513 C CG  . TYR B 1 29 ? 8.663   17.161  -12.636 1.00 71.80  ? 29 TYR B CG  1 
ATOM   514 C CD1 . TYR B 1 29 ? 9.608   16.871  -11.654 1.00 71.80  ? 29 TYR B CD1 1 
ATOM   515 C CD2 . TYR B 1 29 ? 9.095   17.809  -13.793 1.00 71.80  ? 29 TYR B CD2 1 
ATOM   516 C CE1 . TYR B 1 29 ? 10.950  17.218  -11.820 1.00 71.80  ? 29 TYR B CE1 1 
ATOM   517 C CE2 . TYR B 1 29 ? 10.434  18.162  -13.971 1.00 71.80  ? 29 TYR B CE2 1 
ATOM   518 C CZ  . TYR B 1 29 ? 11.356  17.863  -12.981 1.00 71.80  ? 29 TYR B CZ  1 
ATOM   519 O OH  . TYR B 1 29 ? 12.679  18.207  -13.153 1.00 71.80  ? 29 TYR B OH  1 
ATOM   520 N N   . ALA B 1 30 ? 6.001   13.390  -11.969 1.00 66.14  ? 30 ALA B N   1 
ATOM   521 C CA  . ALA B 1 30 ? 5.102   12.605  -11.147 1.00 66.14  ? 30 ALA B CA  1 
ATOM   522 C C   . ALA B 1 30 ? 5.854   11.668  -10.211 1.00 66.14  ? 30 ALA B C   1 
ATOM   523 O O   . ALA B 1 30 ? 7.087   11.654  -10.187 1.00 35.55  ? 30 ALA B O   1 
ATOM   524 C CB  . ALA B 1 30 ? 4.169   11.813  -12.042 1.00 35.55  ? 30 ALA B CB  1 
ATOM   525 N N   . CYS B 1 31 ? 5.094   10.889  -9.445  1.00 13.55  ? 31 CYS B N   1 
ATOM   526 C CA  . CYS B 1 31 ? 5.655   9.950   -8.491  1.00 13.55  ? 31 CYS B CA  1 
ATOM   527 C C   . CYS B 1 31 ? 6.062   8.673   -9.184  1.00 13.55  ? 31 CYS B C   1 
ATOM   528 O O   . CYS B 1 31 ? 5.279   8.087   -9.922  1.00 15.23  ? 31 CYS B O   1 
ATOM   529 C CB  . CYS B 1 31 ? 4.625   9.630   -7.418  1.00 15.23  ? 31 CYS B CB  1 
ATOM   530 S SG  . CYS B 1 31 ? 4.540   10.876  -6.101  1.00 15.23  ? 31 CYS B SG  1 
ATOM   531 N N   . ASN B 1 32 ? 7.295   8.247   -8.953  1.00 11.31  ? 32 ASN B N   1 
ATOM   532 C CA  . ASN B 1 32 ? 7.793   7.010   -9.541  1.00 11.31  ? 32 ASN B CA  1 
ATOM   533 C C   . ASN B 1 32 ? 7.757   5.963   -8.429  1.00 11.31  ? 32 ASN B C   1 
ATOM   534 O O   . ASN B 1 32 ? 8.773   5.714   -7.781  1.00 2.44   ? 32 ASN B O   1 
ATOM   535 C CB  . ASN B 1 32 ? 9.230   7.193   -10.027 1.00 2.44   ? 32 ASN B CB  1 
ATOM   536 C CG  . ASN B 1 32 ? 9.725   6.007   -10.800 1.00 2.44   ? 32 ASN B CG  1 
ATOM   537 O OD1 . ASN B 1 32 ? 9.006   5.034   -10.966 1.00 2.44   ? 32 ASN B OD1 1 
ATOM   538 N ND2 . ASN B 1 32 ? 10.957  6.077   -11.282 1.00 2.44   ? 32 ASN B ND2 1 
ATOM   539 N N   . CYS B 1 33 ? 6.584   5.373   -8.202  1.00 44.04  ? 33 CYS B N   1 
ATOM   540 C CA  . CYS B 1 33 ? 6.406   4.378   -7.148  1.00 44.04  ? 33 CYS B CA  1 
ATOM   541 C C   . CYS B 1 33 ? 7.150   3.076   -7.400  1.00 44.04  ? 33 CYS B C   1 
ATOM   542 O O   . CYS B 1 33 ? 7.609   2.810   -8.512  1.00 11.11  ? 33 CYS B O   1 
ATOM   543 C CB  . CYS B 1 33 ? 4.926   4.056   -6.958  1.00 11.11  ? 33 CYS B CB  1 
ATOM   544 S SG  . CYS B 1 33 ? 3.787   5.460   -7.124  1.00 11.11  ? 33 CYS B SG  1 
ATOM   545 N N   . VAL B 1 34 ? 7.251   2.259   -6.357  1.00 17.00  ? 34 VAL B N   1 
ATOM   546 C CA  . VAL B 1 34 ? 7.936   0.977   -6.460  1.00 17.00  ? 34 VAL B CA  1 
ATOM   547 C C   . VAL B 1 34 ? 6.925   -0.070  -6.933  1.00 17.00  ? 34 VAL B C   1 
ATOM   548 O O   . VAL B 1 34 ? 5.757   -0.027  -6.540  1.00 19.78  ? 34 VAL B O   1 
ATOM   549 C CB  . VAL B 1 34 ? 8.557   0.588   -5.082  1.00 19.78  ? 34 VAL B CB  1 
ATOM   550 C CG1 . VAL B 1 34 ? 7.959   1.453   -3.985  1.00 19.78  ? 34 VAL B CG1 1 
ATOM   551 C CG2 . VAL B 1 34 ? 8.349   -0.883  -4.792  1.00 19.78  ? 34 VAL B CG2 1 
ATOM   552 N N   . VAL B 1 35 ? 7.367   -0.990  -7.791  1.00 10.82  ? 35 VAL B N   1 
ATOM   553 C CA  . VAL B 1 35 ? 6.484   -2.038  -8.316  1.00 10.82  ? 35 VAL B CA  1 
ATOM   554 C C   . VAL B 1 35 ? 5.407   -2.442  -7.322  1.00 10.82  ? 35 VAL B C   1 
ATOM   555 O O   . VAL B 1 35 ? 5.704   -2.848  -6.201  1.00 29.46  ? 35 VAL B O   1 
ATOM   556 C CB  . VAL B 1 35 ? 7.259   -3.312  -8.702  1.00 29.46  ? 35 VAL B CB  1 
ATOM   557 C CG1 . VAL B 1 35 ? 7.635   -3.262  -10.162 1.00 29.46  ? 35 VAL B CG1 1 
ATOM   558 C CG2 . VAL B 1 35 ? 8.490   -3.461  -7.834  1.00 29.46  ? 35 VAL B CG2 1 
ATOM   559 N N   . GLY B 1 36 ? 4.152   -2.321  -7.737  1.00 2.10   ? 36 GLY B N   1 
ATOM   560 C CA  . GLY B 1 36 ? 3.055   -2.687  -6.865  1.00 2.10   ? 36 GLY B CA  1 
ATOM   561 C C   . GLY B 1 36 ? 2.095   -1.569  -6.509  1.00 2.10   ? 36 GLY B C   1 
ATOM   562 O O   . GLY B 1 36 ? 0.880   -1.755  -6.595  1.00 4.80   ? 36 GLY B O   1 
ATOM   563 N N   . TYR B 1 37 ? 2.623   -0.413  -6.109  1.00 2.13   ? 37 TYR B N   1 
ATOM   564 C CA  . TYR B 1 37 ? 1.774   0.715   -5.723  1.00 2.13   ? 37 TYR B CA  1 
ATOM   565 C C   . TYR B 1 37 ? 1.251   1.530   -6.873  1.00 2.13   ? 37 TYR B C   1 
ATOM   566 O O   . TYR B 1 37 ? 1.872   1.609   -7.927  1.00 8.32   ? 37 TYR B O   1 
ATOM   567 C CB  . TYR B 1 37 ? 2.510   1.645   -4.765  1.00 8.32   ? 37 TYR B CB  1 
ATOM   568 C CG  . TYR B 1 37 ? 2.745   1.005   -3.433  1.00 8.32   ? 37 TYR B CG  1 
ATOM   569 C CD1 . TYR B 1 37 ? 3.836   0.169   -3.233  1.00 8.32   ? 37 TYR B CD1 1 
ATOM   570 C CD2 . TYR B 1 37 ? 1.841   1.176   -2.389  1.00 8.32   ? 37 TYR B CD2 1 
ATOM   571 C CE1 . TYR B 1 37 ? 4.019   -0.486  -2.032  1.00 8.32   ? 37 TYR B CE1 1 
ATOM   572 C CE2 . TYR B 1 37 ? 2.012   0.527   -1.183  1.00 8.32   ? 37 TYR B CE2 1 
ATOM   573 C CZ  . TYR B 1 37 ? 3.100   -0.304  -1.010  1.00 8.32   ? 37 TYR B CZ  1 
ATOM   574 O OH  . TYR B 1 37 ? 3.255   -0.952  0.186   1.00 8.32   ? 37 TYR B OH  1 
ATOM   575 N N   . ILE B 1 38 ? 0.089   2.133   -6.662  1.00 2.00   ? 38 ILE B N   1 
ATOM   576 C CA  . ILE B 1 38 ? -0.515  2.975   -7.676  1.00 2.00   ? 38 ILE B CA  1 
ATOM   577 C C   . ILE B 1 38 ? -1.166  4.166   -7.006  1.00 2.00   ? 38 ILE B C   1 
ATOM   578 O O   . ILE B 1 38 ? -1.285  4.211   -5.780  1.00 11.36  ? 38 ILE B O   1 
ATOM   579 C CB  . ILE B 1 38 ? -1.554  2.215   -8.526  1.00 11.36  ? 38 ILE B CB  1 
ATOM   580 C CG1 . ILE B 1 38 ? -2.726  1.755   -7.662  1.00 11.36  ? 38 ILE B CG1 1 
ATOM   581 C CG2 . ILE B 1 38 ? -0.892  1.022   -9.194  1.00 11.36  ? 38 ILE B CG2 1 
ATOM   582 C CD1 . ILE B 1 38 ? -3.747  0.893   -8.419  1.00 11.36  ? 38 ILE B CD1 1 
ATOM   583 N N   . GLY B 1 39 ? -1.567  5.139   -7.816  1.00 7.96   ? 39 GLY B N   1 
ATOM   584 C CA  . GLY B 1 39 ? -2.175  6.340   -7.281  1.00 7.96   ? 39 GLY B CA  1 
ATOM   585 C C   . GLY B 1 39 ? -1.238  7.528   -7.388  1.00 7.96   ? 39 GLY B C   1 
ATOM   586 O O   . GLY B 1 39 ? -0.029  7.381   -7.550  1.00 10.09  ? 39 GLY B O   1 
ATOM   587 N N   . GLU B 1 40 ? -1.811  8.719   -7.297  1.00 10.60  ? 40 GLU B N   1 
ATOM   588 C CA  . GLU B 1 40 ? -1.070  9.977   -7.386  1.00 10.60  ? 40 GLU B CA  1 
ATOM   589 C C   . GLU B 1 40 ? 0.211   9.999   -6.549  1.00 10.60  ? 40 GLU B C   1 
ATOM   590 O O   . GLU B 1 40 ? 1.269   10.414  -7.025  1.00 75.76  ? 40 GLU B O   1 
ATOM   591 C CB  . GLU B 1 40 ? -1.990  11.124  -6.963  1.00 75.76  ? 40 GLU B CB  1 
ATOM   592 C CG  . GLU B 1 40 ? -3.389  11.059  -7.595  1.00 75.76  ? 40 GLU B CG  1 
ATOM   593 C CD  . GLU B 1 40 ? -4.274  9.953   -7.015  1.00 75.76  ? 40 GLU B CD  1 
ATOM   594 O OE1 . GLU B 1 40 ? -4.688  10.077  -5.842  1.00 75.76  ? 40 GLU B OE1 1 
ATOM   595 O OE2 . GLU B 1 40 ? -4.559  8.963   -7.734  1.00 75.76  ? 40 GLU B OE2 1 
ATOM   596 N N   . ARG B 1 41 ? 0.107   9.554   -5.300  1.00 28.06  ? 41 ARG B N   1 
ATOM   597 C CA  . ARG B 1 41 ? 1.246   9.523   -4.392  1.00 28.06  ? 41 ARG B CA  1 
ATOM   598 C C   . ARG B 1 41 ? 1.530   8.095   -3.941  1.00 28.06  ? 41 ARG B C   1 
ATOM   599 O O   . ARG B 1 41 ? 2.184   7.863   -2.923  1.00 9.86   ? 41 ARG B O   1 
ATOM   600 C CB  . ARG B 1 41 ? 0.958   10.406  -3.182  1.00 9.86   ? 41 ARG B CB  1 
ATOM   601 C CG  . ARG B 1 41 ? 0.225   11.676  -3.542  1.00 9.86   ? 41 ARG B CG  1 
ATOM   602 C CD  . ARG B 1 41 ? -0.152  12.487  -2.321  1.00 9.86   ? 41 ARG B CD  1 
ATOM   603 N NE  . ARG B 1 41 ? 0.833   12.349  -1.255  1.00 9.86   ? 41 ARG B NE  1 
ATOM   604 C CZ  . ARG B 1 41 ? 0.816   13.053  -0.127  1.00 9.86   ? 41 ARG B CZ  1 
ATOM   605 N NH1 . ARG B 1 41 ? -0.140  13.950  0.085   1.00 9.86   ? 41 ARG B NH1 1 
ATOM   606 N NH2 . ARG B 1 41 ? 1.761   12.861  0.787   1.00 9.86   ? 41 ARG B NH2 1 
ATOM   607 N N   . CYS B 1 42 ? 1.025   7.136   -4.708  1.00 46.10  ? 42 CYS B N   1 
ATOM   608 C CA  . CYS B 1 42 ? 1.208   5.718   -4.409  1.00 46.10  ? 42 CYS B CA  1 
ATOM   609 C C   . CYS B 1 42 ? 0.510   5.263   -3.129  1.00 46.10  ? 42 CYS B C   1 
ATOM   610 O O   . CYS B 1 42 ? 0.957   4.313   -2.495  1.00 7.58   ? 42 CYS B O   1 
ATOM   611 C CB  . CYS B 1 42 ? 2.701   5.390   -4.282  1.00 7.58   ? 42 CYS B CB  1 
ATOM   612 S SG  . CYS B 1 42 ? 3.842   6.368   -5.309  1.00 7.58   ? 42 CYS B SG  1 
ATOM   613 N N   . GLN B 1 43 ? -0.578  5.923   -2.746  1.00 10.88  ? 43 GLN B N   1 
ATOM   614 C CA  . GLN B 1 43 ? -1.274  5.559   -1.517  1.00 10.88  ? 43 GLN B CA  1 
ATOM   615 C C   . GLN B 1 43 ? -1.934  4.190   -1.569  1.00 10.88  ? 43 GLN B C   1 
ATOM   616 O O   . GLN B 1 43 ? -2.075  3.520   -0.550  1.00 17.99  ? 43 GLN B O   1 
ATOM   617 C CB  . GLN B 1 43 ? -2.340  6.600   -1.169  1.00 17.99  ? 43 GLN B CB  1 
ATOM   618 C CG  . GLN B 1 43 ? -2.194  7.921   -1.879  1.00 17.99  ? 43 GLN B CG  1 
ATOM   619 C CD  . GLN B 1 43 ? -2.829  7.912   -3.242  1.00 17.99  ? 43 GLN B CD  1 
ATOM   620 O OE1 . GLN B 1 43 ? -2.495  7.086   -4.089  1.00 17.99  ? 43 GLN B OE1 1 
ATOM   621 N NE2 . GLN B 1 43 ? -3.754  8.835   -3.466  1.00 17.99  ? 43 GLN B NE2 1 
ATOM   622 N N   . TYR B 1 44 ? -2.331  3.768   -2.759  1.00 2.00   ? 44 TYR B N   1 
ATOM   623 C CA  . TYR B 1 44 ? -2.992  2.490   -2.905  1.00 2.00   ? 44 TYR B CA  1 
ATOM   624 C C   . TYR B 1 44 ? -2.064  1.374   -3.333  1.00 2.00   ? 44 TYR B C   1 
ATOM   625 O O   . TYR B 1 44 ? -1.010  1.600   -3.914  1.00 25.73  ? 44 TYR B O   1 
ATOM   626 C CB  . TYR B 1 44 ? -4.137  2.619   -3.902  1.00 25.73  ? 44 TYR B CB  1 
ATOM   627 C CG  . TYR B 1 44 ? -4.995  3.835   -3.648  1.00 25.73  ? 44 TYR B CG  1 
ATOM   628 C CD1 . TYR B 1 44 ? -5.418  4.153   -2.357  1.00 25.73  ? 44 TYR B CD1 1 
ATOM   629 C CD2 . TYR B 1 44 ? -5.368  4.682   -4.690  1.00 25.73  ? 44 TYR B CD2 1 
ATOM   630 C CE1 . TYR B 1 44 ? -6.190  5.282   -2.105  1.00 25.73  ? 44 TYR B CE1 1 
ATOM   631 C CE2 . TYR B 1 44 ? -6.143  5.817   -4.451  1.00 25.73  ? 44 TYR B CE2 1 
ATOM   632 C CZ  . TYR B 1 44 ? -6.548  6.108   -3.155  1.00 25.73  ? 44 TYR B CZ  1 
ATOM   633 O OH  . TYR B 1 44 ? -7.305  7.227   -2.904  1.00 25.73  ? 44 TYR B OH  1 
ATOM   634 N N   . ARG B 1 45 ? -2.478  0.149   -3.044  1.00 10.99  ? 45 ARG B N   1 
ATOM   635 C CA  . ARG B 1 45 ? -1.699  -1.022  -3.396  1.00 10.99  ? 45 ARG B CA  1 
ATOM   636 C C   . ARG B 1 45 ? -2.466  -1.921  -4.348  1.00 10.99  ? 45 ARG B C   1 
ATOM   637 O O   . ARG B 1 45 ? -3.661  -2.156  -4.156  1.00 17.13  ? 45 ARG B O   1 
ATOM   638 C CB  . ARG B 1 45 ? -1.357  -1.808  -2.147  1.00 17.13  ? 45 ARG B CB  1 
ATOM   639 C CG  . ARG B 1 45 ? 0.046   -2.326  -2.152  1.00 17.13  ? 45 ARG B CG  1 
ATOM   640 C CD  . ARG B 1 45 ? 0.155   -3.627  -2.910  1.00 17.13  ? 45 ARG B CD  1 
ATOM   641 N NE  . ARG B 1 45 ? 1.481   -4.190  -2.714  1.00 17.13  ? 45 ARG B NE  1 
ATOM   642 C CZ  . ARG B 1 45 ? 2.046   -5.074  -3.528  1.00 17.13  ? 45 ARG B CZ  1 
ATOM   643 N NH1 . ARG B 1 45 ? 1.400   -5.506  -4.609  1.00 17.13  ? 45 ARG B NH1 1 
ATOM   644 N NH2 . ARG B 1 45 ? 3.269   -5.513  -3.263  1.00 17.13  ? 45 ARG B NH2 1 
ATOM   645 N N   . ASP B 1 46 ? -1.792  -2.422  -5.379  1.00 19.16  ? 46 ASP B N   1 
ATOM   646 C CA  . ASP B 1 46 ? -2.447  -3.306  -6.335  1.00 19.16  ? 46 ASP B CA  1 
ATOM   647 C C   . ASP B 1 46 ? -2.085  -4.768  -6.078  1.00 19.16  ? 46 ASP B C   1 
ATOM   648 O O   . ASP B 1 46 ? -1.000  -5.226  -6.452  1.00 40.38  ? 46 ASP B O   1 
ATOM   649 C CB  . ASP B 1 46 ? -2.060  -2.932  -7.758  1.00 40.38  ? 46 ASP B CB  1 
ATOM   650 C CG  . ASP B 1 46 ? -2.915  -3.629  -8.788  1.00 40.38  ? 46 ASP B CG  1 
ATOM   651 O OD1 . ASP B 1 46 ? -2.702  -3.394  -9.990  1.00 40.38  ? 46 ASP B OD1 1 
ATOM   652 O OD2 . ASP B 1 46 ? -3.803  -4.415  -8.386  1.00 40.38  ? 46 ASP B OD2 1 
ATOM   653 N N   . LEU B 1 47 ? -3.004  -5.498  -5.450  1.00 34.23  ? 47 LEU B N   1 
ATOM   654 C CA  . LEU B 1 47 ? -2.773  -6.902  -5.132  1.00 34.23  ? 47 LEU B CA  1 
ATOM   655 C C   . LEU B 1 47 ? -2.866  -7.830  -6.340  1.00 34.23  ? 47 LEU B C   1 
ATOM   656 O O   . LEU B 1 47 ? -2.702  -9.037  -6.216  1.00 21.63  ? 47 LEU B O   1 
ATOM   657 C CB  . LEU B 1 47 ? -3.738  -7.359  -4.038  1.00 21.63  ? 47 LEU B CB  1 
ATOM   658 C CG  . LEU B 1 47 ? -3.342  -6.899  -2.629  1.00 21.63  ? 47 LEU B CG  1 
ATOM   659 C CD1 . LEU B 1 47 ? -4.513  -7.081  -1.695  1.00 21.63  ? 47 LEU B CD1 1 
ATOM   660 C CD2 . LEU B 1 47 ? -2.130  -7.684  -2.145  1.00 21.63  ? 47 LEU B CD2 1 
ATOM   661 N N   . LYS B 1 48 ? -3.133  -7.262  -7.514  1.00 42.24  ? 48 LYS B N   1 
ATOM   662 C CA  . LYS B 1 48 ? -3.197  -8.052  -8.744  1.00 42.24  ? 48 LYS B CA  1 
ATOM   663 C C   . LYS B 1 48 ? -1.897  -7.893  -9.539  1.00 42.24  ? 48 LYS B C   1 
ATOM   664 O O   . LYS B 1 48 ? -1.665  -8.618  -10.506 1.00 96.77  ? 48 LYS B O   1 
ATOM   665 C CB  . LYS B 1 48 ? -4.379  -7.627  -9.619  1.00 96.77  ? 48 LYS B CB  1 
ATOM   666 C CG  . LYS B 1 48 ? -5.152  -8.812  -10.190 1.00 96.77  ? 48 LYS B CG  1 
ATOM   667 C CD  . LYS B 1 48 ? -5.142  -8.794  -11.716 1.00 96.77  ? 48 LYS B CD  1 
ATOM   668 C CE  . LYS B 1 48 ? -4.801  -10.165 -12.300 1.00 96.77  ? 48 LYS B CE  1 
ATOM   669 N NZ  . LYS B 1 48 ? -4.132  -10.088 -13.636 1.00 96.77  ? 48 LYS B NZ  1 
ATOM   670 N N   . TRP B 1 49 ? -1.050  -6.963  -9.106  1.00 41.70  ? 49 TRP B N   1 
ATOM   671 C CA  . TRP B 1 49 ? 0.229   -6.684  -9.763  1.00 41.70  ? 49 TRP B CA  1 
ATOM   672 C C   . TRP B 1 49 ? 1.405   -7.080  -8.864  1.00 41.70  ? 49 TRP B C   1 
ATOM   673 O O   . TRP B 1 49 ? 1.625   -6.480  -7.808  1.00 33.40  ? 49 TRP B O   1 
ATOM   674 C CB  . TRP B 1 49 ? 0.294   -5.193  -10.104 1.00 33.40  ? 49 TRP B CB  1 
ATOM   675 C CG  . TRP B 1 49 ? 1.570   -4.715  -10.718 1.00 33.40  ? 49 TRP B CG  1 
ATOM   676 C CD1 . TRP B 1 49 ? 2.439   -5.433  -11.493 1.00 33.40  ? 49 TRP B CD1 1 
ATOM   677 C CD2 . TRP B 1 49 ? 2.119   -3.394  -10.614 1.00 33.40  ? 49 TRP B CD2 1 
ATOM   678 N NE1 . TRP B 1 49 ? 3.493   -4.637  -11.881 1.00 33.40  ? 49 TRP B NE1 1 
ATOM   679 C CE2 . TRP B 1 49 ? 3.321   -3.383  -11.357 1.00 33.40  ? 49 TRP B CE2 1 
ATOM   680 C CE3 . TRP B 1 49 ? 1.710   -2.219  -9.970  1.00 33.40  ? 49 TRP B CE3 1 
ATOM   681 C CZ2 . TRP B 1 49 ? 4.119   -2.243  -11.468 1.00 33.40  ? 49 TRP B CZ2 1 
ATOM   682 C CZ3 . TRP B 1 49 ? 2.503   -1.083  -10.084 1.00 33.40  ? 49 TRP B CZ3 1 
ATOM   683 C CH2 . TRP B 1 49 ? 3.696   -1.106  -10.826 1.00 33.40  ? 49 TRP B CH2 1 
ATOM   684 N N   . TRP B 1 50 ? 2.156   -8.094  -9.291  1.00 100.00 ? 50 TRP B N   1 
ATOM   685 C CA  . TRP B 1 50 ? 3.294   -8.603  -8.525  1.00 100.00 ? 50 TRP B CA  1 
ATOM   686 C C   . TRP B 1 50 ? 4.546   -8.803  -9.382  1.00 100.00 ? 50 TRP B C   1 
ATOM   687 O O   . TRP B 1 50 ? 4.453   -9.562  -10.373 1.00 45.54  ? 50 TRP B O   1 
ATOM   688 C CB  . TRP B 1 50 ? 2.911   -9.939  -7.871  1.00 45.54  ? 50 TRP B CB  1 
ATOM   689 C CG  . TRP B 1 50 ? 1.863   -9.800  -6.812  1.00 45.54  ? 50 TRP B CG  1 
ATOM   690 C CD1 . TRP B 1 50 ? 0.511   -9.950  -6.965  1.00 45.54  ? 50 TRP B CD1 1 
ATOM   691 C CD2 . TRP B 1 50 ? 2.069   -9.404  -5.450  1.00 45.54  ? 50 TRP B CD2 1 
ATOM   692 N NE1 . TRP B 1 50 ? -0.133  -9.665  -5.785  1.00 45.54  ? 50 TRP B NE1 1 
ATOM   693 C CE2 . TRP B 1 50 ? 0.800   -9.327  -4.837  1.00 45.54  ? 50 TRP B CE2 1 
ATOM   694 C CE3 . TRP B 1 50 ? 3.207   -9.104  -4.688  1.00 45.54  ? 50 TRP B CE3 1 
ATOM   695 C CZ2 . TRP B 1 50 ? 0.634   -8.962  -3.495  1.00 45.54  ? 50 TRP B CZ2 1 
ATOM   696 C CZ3 . TRP B 1 50 ? 3.044   -8.741  -3.354  1.00 45.54  ? 50 TRP B CZ3 1 
ATOM   697 C CH2 . TRP B 1 50 ? 1.764   -8.672  -2.772  1.00 45.54  ? 50 TRP B CH2 1 
HETATM 698 O O   . HOH C 2 .  ? 3.073   -24.833 3.632   1.00 50.18  ? 52 HOH A O   1 
HETATM 699 O O   . HOH C 2 .  ? -21.557 -19.780 9.074   1.00 37.18  ? 53 HOH A O   1 
HETATM 700 O O   . HOH C 2 .  ? -11.678 -24.237 5.887   1.00 29.66  ? 54 HOH A O   1 
HETATM 701 O O   . HOH C 2 .  ? -2.386  -11.829 -2.752  1.00 17.84  ? 55 HOH A O   1 
HETATM 702 O O   . HOH C 2 .  ? -2.363  11.816  6.999   1.00 46.87  ? 56 HOH A O   1 
HETATM 703 O O   . HOH D 2 .  ? 0.887   13.929  3.376   1.00 39.62  ? 52 HOH B O   1 
HETATM 704 O O   . HOH D 2 .  ? -2.152  15.532  4.473   1.00 40.48  ? 53 HOH B O   1 
# 
